data_3EOB
#
_entry.id   3EOB
#
_cell.length_a   111.096
_cell.length_b   111.096
_cell.length_c   470.726
_cell.angle_alpha   90.00
_cell.angle_beta   90.00
_cell.angle_gamma   120.00
#
_symmetry.space_group_name_H-M   'P 61 2 2'
#
loop_
_entity.id
_entity.type
_entity.pdbx_description
1 polymer 'Efalizumab Fab fragment, light chain'
2 polymer 'Efalizumab Fab fragment, heavy chain'
3 polymer 'Integrin alpha-L'
4 non-polymer 'ZINC ION'
#
loop_
_entity_poly.entity_id
_entity_poly.type
_entity_poly.pdbx_seq_one_letter_code
_entity_poly.pdbx_strand_id
1 'polypeptide(L)'
;DIQMTQSPSSLSASVGDRVTITCRASKTISKYLAWYQQKPGKAPKLLIYSGSTLQSGVPSRFSGSGSGTDFTLTISSLQP
EDFATYYCQQHNEYPLTFGQGTKVEIKRTVAAPSVFIFPPSDEQLKSGTASVVCLLNNFYPREAKVQWKVDNALQSGNSQ
ESVTEQDSKDSTYSLSSTLTLSKADYEKHKVYACEVTHQGLSSPVTKSFNRGEC
;
L,A
2 'polypeptide(L)'
;EVQLVESGGGLVQPGGSLRLSCAASGYSFTGHWMNWVRQAPGKGLEWVGMIHPSDSETRYNQKFKDRFTISVDKSKNTLY
LQMNSLRAEDTAVYYCARGIYFYGTTYFDYWGQGTLVTVSSASTKGPSVFPLAPSSKSTSGGTAALGCLVKDYFPEPVTV
SWNSGALTSGVHTFPAVLQSSGLYSLSSVVTVPSSSLGTQTYICNVNHKPSNTKVDKKVE
;
H,B
3 'polypeptide(L)'
;GNVDLVFLFDGSMSLQPDEFQKILDFMKDVMKKLSNTSYQFAAVQFSTSYKTEFDFSDYVKRKDPDALLKHVKHMLLLTN
TFGAINYVATEVFREELGARPDATKVLIIITDGEATDSGNIDAAKDIIRYIIGIGKHFQTKESQETLHKFASKPASEFVK
ILDTFEKLKDLFTELQKKIYV
;
I,J
#
loop_
_chem_comp.id
_chem_comp.type
_chem_comp.name
_chem_comp.formula
ZN non-polymer 'ZINC ION' 'Zn 2'
#
# COMPACT_ATOMS: atom_id res chain seq x y z
N ASP A 1 30.58 -22.70 -6.57
CA ASP A 1 31.00 -22.73 -5.18
C ASP A 1 29.89 -22.26 -4.25
N ILE A 2 29.59 -23.08 -3.24
CA ILE A 2 28.82 -22.62 -2.09
C ILE A 2 28.47 -23.78 -1.16
N GLN A 3 29.18 -23.86 -0.04
CA GLN A 3 29.07 -24.98 0.82
C GLN A 3 28.09 -24.62 1.90
N MET A 4 27.06 -25.46 2.00
CA MET A 4 26.00 -25.33 2.98
C MET A 4 26.28 -26.36 4.06
N THR A 5 26.41 -25.90 5.29
CA THR A 5 26.66 -26.81 6.38
C THR A 5 25.44 -26.84 7.27
N GLN A 6 24.98 -28.04 7.59
CA GLN A 6 23.81 -28.21 8.46
C GLN A 6 24.20 -28.77 9.80
N SER A 7 23.43 -28.45 10.84
CA SER A 7 23.74 -28.93 12.19
C SER A 7 22.47 -29.15 13.01
N PRO A 8 22.36 -30.30 13.70
CA PRO A 8 23.37 -31.37 13.70
C PRO A 8 23.10 -32.38 12.59
N SER A 9 24.02 -33.31 12.40
CA SER A 9 23.84 -34.30 11.37
C SER A 9 22.77 -35.32 11.74
N SER A 10 22.05 -35.07 12.83
CA SER A 10 20.99 -35.99 13.30
C SER A 10 20.58 -35.66 14.73
N LEU A 11 19.35 -35.98 15.10
CA LEU A 11 18.90 -35.71 16.45
C LEU A 11 17.61 -36.42 16.77
N SER A 12 17.36 -36.61 18.06
CA SER A 12 16.15 -37.28 18.54
C SER A 12 15.41 -36.32 19.47
N ALA A 13 14.11 -36.17 19.28
CA ALA A 13 13.34 -35.26 20.10
C ALA A 13 11.98 -35.83 20.42
N SER A 14 11.54 -35.66 21.65
CA SER A 14 10.25 -36.19 22.05
C SER A 14 9.10 -35.50 21.32
N VAL A 15 8.06 -36.24 21.00
CA VAL A 15 6.90 -35.68 20.31
C VAL A 15 6.42 -34.41 21.03
N GLY A 16 6.31 -33.28 20.33
CA GLY A 16 5.83 -32.06 20.98
C GLY A 16 6.90 -31.03 21.24
N ASP A 17 8.15 -31.48 21.30
CA ASP A 17 9.31 -30.62 21.56
C ASP A 17 9.58 -29.63 20.39
N ARG A 18 10.21 -28.51 20.69
CA ARG A 18 10.51 -27.53 19.65
C ARG A 18 11.90 -27.80 19.09
N VAL A 19 11.95 -28.27 17.85
CA VAL A 19 13.23 -28.57 17.20
C VAL A 19 13.76 -27.38 16.42
N THR A 20 15.07 -27.31 16.25
CA THR A 20 15.65 -26.21 15.49
C THR A 20 16.89 -26.75 14.84
N ILE A 21 16.91 -26.65 13.52
CA ILE A 21 18.04 -27.11 12.72
C ILE A 21 18.65 -25.85 12.15
N THR A 22 19.95 -25.79 12.09
CA THR A 22 20.58 -24.61 11.56
C THR A 22 21.36 -24.97 10.31
N CYS A 23 21.28 -24.14 9.29
CA CYS A 23 21.99 -24.39 8.05
C CYS A 23 22.74 -23.13 7.79
N ARG A 24 24.07 -23.19 7.88
CA ARG A 24 24.85 -21.99 7.62
C ARG A 24 25.48 -22.06 6.23
N ALA A 25 25.55 -20.92 5.56
CA ALA A 25 26.07 -20.85 4.22
C ALA A 25 27.52 -20.46 4.13
N SER A 26 28.12 -20.77 2.98
CA SER A 26 29.51 -20.47 2.69
C SER A 26 29.71 -18.95 2.66
N LYS A 27 29.05 -18.28 1.72
CA LYS A 27 29.09 -16.82 1.59
C LYS A 27 27.62 -16.38 1.64
N THR A 28 27.31 -15.23 2.24
CA THR A 28 25.90 -14.78 2.31
C THR A 28 25.07 -15.18 1.09
N ILE A 29 23.76 -15.26 1.27
CA ILE A 29 22.87 -15.63 0.18
C ILE A 29 21.52 -14.96 0.42
N SER A 30 21.58 -13.72 0.86
CA SER A 30 20.36 -12.99 1.12
C SER A 30 19.45 -13.89 1.91
N LYS A 31 18.17 -13.76 1.65
CA LYS A 31 17.17 -14.53 2.35
C LYS A 31 16.75 -15.70 1.50
N TYR A 32 17.53 -16.04 0.47
CA TYR A 32 17.15 -17.16 -0.37
C TYR A 32 17.67 -18.53 0.06
N LEU A 33 16.85 -19.27 0.80
CA LEU A 33 17.22 -20.62 1.24
C LEU A 33 15.92 -21.36 1.39
N ALA A 34 15.89 -22.59 0.88
CA ALA A 34 14.70 -23.41 0.95
C ALA A 34 14.91 -24.67 1.80
N TRP A 35 13.84 -25.18 2.38
CA TRP A 35 13.92 -26.38 3.23
C TRP A 35 13.02 -27.53 2.77
N TYR A 36 13.61 -28.72 2.64
CA TYR A 36 12.86 -29.91 2.20
C TYR A 36 12.84 -31.04 3.23
N GLN A 37 11.77 -31.83 3.20
CA GLN A 37 11.55 -32.95 4.10
C GLN A 37 11.50 -34.31 3.38
N GLN A 38 12.60 -35.06 3.41
CA GLN A 38 12.63 -36.35 2.72
C GLN A 38 12.26 -37.60 3.55
N LYS A 39 11.02 -38.05 3.46
CA LYS A 39 10.57 -39.26 4.17
C LYS A 39 11.35 -40.42 3.58
N PRO A 40 11.68 -41.43 4.39
CA PRO A 40 12.43 -42.54 3.80
C PRO A 40 11.78 -43.05 2.52
N GLY A 41 12.62 -43.32 1.53
CA GLY A 41 12.14 -43.86 0.27
C GLY A 41 11.29 -42.98 -0.63
N LYS A 42 10.99 -41.76 -0.18
CA LYS A 42 10.18 -40.88 -0.99
C LYS A 42 10.99 -39.66 -1.45
N ALA A 43 10.39 -38.85 -2.31
CA ALA A 43 11.06 -37.67 -2.83
C ALA A 43 10.91 -36.46 -1.91
N PRO A 44 11.96 -35.64 -1.82
CA PRO A 44 11.92 -34.46 -0.97
C PRO A 44 10.65 -33.64 -1.22
N LYS A 45 10.11 -33.06 -0.17
CA LYS A 45 8.91 -32.26 -0.31
C LYS A 45 9.31 -30.84 0.09
N LEU A 46 9.03 -29.87 -0.78
CA LEU A 46 9.39 -28.50 -0.45
C LEU A 46 8.60 -28.13 0.81
N LEU A 47 9.17 -27.27 1.65
CA LEU A 47 8.52 -26.81 2.88
C LEU A 47 8.56 -25.30 2.90
N ILE A 48 9.78 -24.78 3.01
CA ILE A 48 10.09 -23.35 3.09
C ILE A 48 10.99 -22.80 1.99
N TYR A 49 10.59 -21.68 1.37
CA TYR A 49 11.41 -21.06 0.33
C TYR A 49 11.65 -19.58 0.64
N SER A 50 12.74 -19.04 0.11
CA SER A 50 13.09 -17.64 0.36
C SER A 50 13.19 -17.38 1.85
N GLY A 51 14.00 -18.18 2.53
CA GLY A 51 14.21 -18.01 3.95
C GLY A 51 13.13 -18.31 4.98
N SER A 52 11.94 -17.70 4.89
CA SER A 52 10.94 -17.94 5.90
C SER A 52 9.53 -18.27 5.43
N THR A 53 9.23 -18.01 4.17
CA THR A 53 7.89 -18.25 3.64
C THR A 53 7.42 -19.71 3.59
N LEU A 54 6.21 -19.97 4.08
CA LEU A 54 5.68 -21.34 4.06
C LEU A 54 5.04 -21.68 2.72
N GLN A 55 5.31 -22.88 2.23
CA GLN A 55 4.71 -23.31 0.97
C GLN A 55 3.24 -23.59 1.31
N SER A 56 2.35 -23.49 0.33
CA SER A 56 0.93 -23.76 0.61
C SER A 56 0.70 -25.26 0.79
N GLY A 57 0.41 -25.66 2.03
CA GLY A 57 0.18 -27.06 2.32
C GLY A 57 1.01 -27.51 3.50
N VAL A 58 2.08 -26.76 3.76
CA VAL A 58 2.96 -27.08 4.86
C VAL A 58 2.30 -26.63 6.15
N PRO A 59 2.14 -27.53 7.12
CA PRO A 59 1.51 -27.19 8.40
C PRO A 59 2.25 -26.01 9.02
N SER A 60 1.54 -25.18 9.78
CA SER A 60 2.19 -24.03 10.35
C SER A 60 3.37 -24.35 11.25
N ARG A 61 3.33 -25.51 11.92
CA ARG A 61 4.39 -25.87 12.86
C ARG A 61 5.80 -25.75 12.30
N PHE A 62 5.92 -25.62 10.98
CA PHE A 62 7.23 -25.46 10.34
C PHE A 62 7.46 -23.99 10.17
N SER A 63 8.64 -23.53 10.55
CA SER A 63 8.95 -22.12 10.43
C SER A 63 10.38 -21.86 9.99
N GLY A 64 10.58 -20.85 9.17
CA GLY A 64 11.94 -20.56 8.76
C GLY A 64 12.27 -19.17 9.26
N SER A 65 13.54 -18.77 9.14
CA SER A 65 13.97 -17.44 9.54
C SER A 65 15.48 -17.36 9.39
N GLY A 66 16.01 -16.14 9.37
CA GLY A 66 17.44 -15.94 9.21
C GLY A 66 17.80 -15.25 7.92
N SER A 67 19.00 -14.71 7.86
CA SER A 67 19.42 -14.02 6.66
C SER A 67 20.91 -13.87 6.59
N GLY A 68 21.41 -13.82 5.38
CA GLY A 68 22.83 -13.65 5.17
C GLY A 68 23.55 -14.96 5.10
N THR A 69 23.88 -15.50 6.25
CA THR A 69 24.62 -16.73 6.27
C THR A 69 24.09 -17.77 7.25
N ASP A 70 23.32 -17.33 8.24
CA ASP A 70 22.79 -18.26 9.22
C ASP A 70 21.28 -18.33 9.18
N PHE A 71 20.77 -19.51 8.84
CA PHE A 71 19.33 -19.75 8.79
C PHE A 71 18.94 -20.92 9.69
N THR A 72 17.66 -21.01 10.00
CA THR A 72 17.19 -22.06 10.90
C THR A 72 15.76 -22.50 10.68
N LEU A 73 15.59 -23.82 10.56
CA LEU A 73 14.29 -24.44 10.39
C LEU A 73 13.78 -24.73 11.79
N THR A 74 12.58 -24.26 12.10
CA THR A 74 12.07 -24.46 13.44
C THR A 74 10.79 -25.24 13.46
N ILE A 75 10.87 -26.50 13.88
CA ILE A 75 9.68 -27.34 13.97
C ILE A 75 9.18 -27.17 15.39
N SER A 76 8.11 -26.40 15.55
CA SER A 76 7.54 -26.15 16.87
C SER A 76 6.40 -27.12 17.11
N SER A 77 6.62 -28.05 18.03
CA SER A 77 5.62 -29.06 18.38
C SER A 77 5.73 -30.27 17.41
N LEU A 78 6.91 -30.88 17.43
CA LEU A 78 7.23 -32.05 16.65
C LEU A 78 6.06 -33.01 16.66
N GLN A 79 6.00 -33.92 15.69
CA GLN A 79 4.92 -34.88 15.61
C GLN A 79 5.53 -36.24 15.32
N PRO A 80 4.71 -37.31 15.30
CA PRO A 80 5.23 -38.66 15.03
C PRO A 80 5.40 -38.85 13.52
N GLU A 81 4.71 -38.01 12.76
CA GLU A 81 4.75 -38.03 11.30
C GLU A 81 5.96 -37.27 10.78
N ASP A 82 6.44 -36.31 11.55
CA ASP A 82 7.59 -35.48 11.17
C ASP A 82 8.92 -36.21 11.16
N PHE A 83 8.91 -37.52 10.93
CA PHE A 83 10.16 -38.26 10.90
C PHE A 83 10.72 -38.28 9.49
N ALA A 84 11.94 -37.78 9.32
CA ALA A 84 12.59 -37.76 8.01
C ALA A 84 13.91 -37.00 8.05
N THR A 85 14.57 -36.87 6.90
CA THR A 85 15.84 -36.14 6.83
C THR A 85 15.55 -34.78 6.25
N TYR A 86 15.81 -33.72 7.03
CA TYR A 86 15.54 -32.36 6.58
C TYR A 86 16.65 -31.65 5.83
N TYR A 87 16.46 -31.45 4.53
CA TYR A 87 17.46 -30.80 3.69
C TYR A 87 17.29 -29.29 3.50
N CYS A 88 18.41 -28.62 3.25
CA CYS A 88 18.44 -27.18 3.06
C CYS A 88 19.20 -26.84 1.78
N GLN A 89 18.66 -25.96 0.95
CA GLN A 89 19.34 -25.57 -0.29
C GLN A 89 19.21 -24.08 -0.55
N GLN A 90 20.27 -23.45 -1.07
CA GLN A 90 20.25 -22.01 -1.36
C GLN A 90 19.87 -21.72 -2.79
N HIS A 91 19.08 -20.69 -3.01
CA HIS A 91 18.73 -20.36 -4.37
C HIS A 91 18.96 -18.90 -4.64
N ASN A 92 20.23 -18.52 -4.61
CA ASN A 92 20.62 -17.16 -4.87
C ASN A 92 21.67 -17.10 -5.98
N GLU A 93 22.27 -18.24 -6.29
CA GLU A 93 23.28 -18.30 -7.35
C GLU A 93 23.53 -19.74 -7.77
N TYR A 94 24.05 -19.91 -8.99
CA TYR A 94 24.34 -21.25 -9.50
C TYR A 94 25.79 -21.61 -9.19
N PRO A 95 26.07 -22.92 -9.12
CA PRO A 95 25.07 -23.96 -9.31
C PRO A 95 24.26 -24.08 -8.02
N LEU A 96 23.06 -24.64 -8.10
CA LEU A 96 22.26 -24.79 -6.91
C LEU A 96 22.94 -25.81 -6.01
N THR A 97 23.10 -25.47 -4.74
CA THR A 97 23.75 -26.40 -3.83
C THR A 97 22.86 -26.75 -2.66
N PHE A 98 23.01 -27.97 -2.17
CA PHE A 98 22.20 -28.45 -1.06
C PHE A 98 23.06 -28.64 0.18
N GLY A 99 22.40 -29.03 1.27
CA GLY A 99 23.11 -29.27 2.51
C GLY A 99 23.39 -30.74 2.58
N GLN A 100 23.66 -31.24 3.78
CA GLN A 100 23.91 -32.66 3.88
C GLN A 100 22.77 -33.28 4.67
N GLY A 101 21.85 -32.44 5.15
CA GLY A 101 20.71 -32.96 5.89
C GLY A 101 20.90 -33.22 7.35
N THR A 102 19.82 -33.63 8.01
CA THR A 102 19.83 -33.92 9.44
C THR A 102 18.70 -34.89 9.75
N LYS A 103 19.02 -36.15 10.06
CA LYS A 103 17.97 -37.11 10.37
C LYS A 103 17.32 -36.76 11.68
N VAL A 104 16.04 -36.41 11.64
CA VAL A 104 15.35 -36.05 12.85
C VAL A 104 14.50 -37.22 13.30
N GLU A 105 14.90 -37.85 14.41
CA GLU A 105 14.18 -39.02 14.94
C GLU A 105 13.31 -38.80 16.19
N ILE A 106 12.19 -39.51 16.23
CA ILE A 106 11.27 -39.38 17.33
C ILE A 106 11.54 -40.27 18.52
N LYS A 107 11.96 -39.63 19.61
CA LYS A 107 12.26 -40.30 20.87
C LYS A 107 10.93 -40.66 21.57
N ARG A 108 10.84 -41.91 22.03
CA ARG A 108 9.64 -42.39 22.72
C ARG A 108 9.97 -43.18 23.99
N THR A 109 9.00 -43.95 24.46
CA THR A 109 9.18 -44.75 25.66
C THR A 109 9.80 -46.05 25.22
N VAL A 110 10.42 -46.78 26.14
CA VAL A 110 11.06 -48.04 25.79
C VAL A 110 10.03 -49.01 25.18
N ALA A 111 10.48 -49.86 24.27
CA ALA A 111 9.59 -50.79 23.61
C ALA A 111 10.18 -52.18 23.48
N ALA A 112 9.40 -53.17 23.90
CA ALA A 112 9.85 -54.55 23.86
C ALA A 112 9.62 -55.23 22.52
N PRO A 113 10.67 -55.80 21.95
CA PRO A 113 10.57 -56.47 20.67
C PRO A 113 9.91 -57.81 20.81
N SER A 114 9.10 -58.17 19.83
CA SER A 114 8.43 -59.46 19.81
C SER A 114 9.27 -60.39 18.92
N VAL A 115 9.93 -61.35 19.53
CA VAL A 115 10.76 -62.25 18.76
C VAL A 115 9.99 -63.34 18.02
N PHE A 116 10.49 -63.72 16.84
CA PHE A 116 9.87 -64.78 16.05
C PHE A 116 11.02 -65.51 15.35
N ILE A 117 10.80 -66.76 14.97
CA ILE A 117 11.85 -67.51 14.29
C ILE A 117 11.26 -68.34 13.17
N PHE A 118 11.85 -68.24 11.99
CA PHE A 118 11.40 -68.97 10.80
C PHE A 118 12.38 -70.02 10.29
N PRO A 119 11.96 -71.30 10.24
CA PRO A 119 12.74 -72.45 9.78
C PRO A 119 12.80 -72.40 8.25
N PRO A 120 14.03 -72.51 7.68
CA PRO A 120 14.23 -72.47 6.22
C PRO A 120 13.13 -73.23 5.49
N SER A 121 12.67 -72.71 4.36
CA SER A 121 11.64 -73.38 3.60
C SER A 121 12.29 -74.54 2.84
N ASP A 122 11.54 -75.61 2.66
CA ASP A 122 12.09 -76.76 1.97
C ASP A 122 12.37 -76.43 0.51
N GLU A 123 11.75 -75.36 0.01
CA GLU A 123 11.96 -74.97 -1.38
C GLU A 123 13.38 -74.45 -1.54
N GLN A 124 13.92 -73.95 -0.43
CA GLN A 124 15.27 -73.41 -0.42
C GLN A 124 16.25 -74.52 -0.10
N LEU A 125 15.75 -75.62 0.45
CA LEU A 125 16.61 -76.74 0.75
C LEU A 125 16.97 -77.40 -0.57
N LYS A 126 16.02 -77.45 -1.50
CA LYS A 126 16.25 -78.07 -2.81
C LYS A 126 17.13 -77.17 -3.66
N SER A 127 17.71 -76.16 -3.03
CA SER A 127 18.60 -75.24 -3.72
C SER A 127 20.00 -75.52 -3.22
N GLY A 128 20.08 -75.89 -1.94
CA GLY A 128 21.36 -76.20 -1.34
C GLY A 128 21.79 -75.17 -0.32
N THR A 129 20.94 -74.18 -0.07
CA THR A 129 21.26 -73.15 0.90
C THR A 129 20.10 -72.99 1.85
N ALA A 130 20.43 -72.87 3.13
CA ALA A 130 19.42 -72.70 4.15
C ALA A 130 19.65 -71.37 4.81
N SER A 131 18.57 -70.61 4.95
CA SER A 131 18.65 -69.31 5.57
C SER A 131 17.58 -69.18 6.62
N VAL A 132 18.01 -69.19 7.86
CA VAL A 132 17.09 -69.06 8.98
C VAL A 132 16.91 -67.58 9.25
N VAL A 133 15.66 -67.13 9.29
CA VAL A 133 15.35 -65.71 9.50
C VAL A 133 14.65 -65.40 10.83
N CYS A 134 15.30 -64.59 11.66
CA CYS A 134 14.74 -64.21 12.95
C CYS A 134 14.17 -62.80 12.93
N LEU A 135 12.96 -62.63 13.48
CA LEU A 135 12.29 -61.32 13.50
C LEU A 135 12.03 -60.68 14.85
N LEU A 136 12.27 -59.37 14.91
CA LEU A 136 12.05 -58.55 16.10
C LEU A 136 11.13 -57.44 15.59
N ASN A 137 9.89 -57.40 16.07
CA ASN A 137 8.94 -56.39 15.59
C ASN A 137 8.61 -55.24 16.56
N ASN A 138 8.36 -54.06 15.99
CA ASN A 138 8.00 -52.84 16.72
C ASN A 138 8.68 -52.57 18.09
N PHE A 139 9.98 -52.28 18.09
CA PHE A 139 10.71 -52.00 19.33
C PHE A 139 11.49 -50.66 19.33
N TYR A 140 12.00 -50.24 20.49
CA TYR A 140 12.73 -48.98 20.63
C TYR A 140 13.47 -48.94 21.97
N PRO A 141 14.69 -48.39 22.00
CA PRO A 141 15.45 -47.79 20.89
C PRO A 141 15.72 -48.76 19.76
N ARG A 142 16.63 -48.38 18.87
CA ARG A 142 16.98 -49.20 17.70
C ARG A 142 18.07 -50.21 17.99
N GLU A 143 18.85 -49.92 19.02
CA GLU A 143 19.95 -50.78 19.39
C GLU A 143 19.43 -52.04 20.06
N ALA A 144 19.82 -53.19 19.52
CA ALA A 144 19.37 -54.46 20.05
C ALA A 144 20.21 -55.62 19.49
N LYS A 145 20.74 -56.46 20.38
CA LYS A 145 21.58 -57.58 19.94
C LYS A 145 20.83 -58.88 19.64
N VAL A 146 21.33 -59.60 18.64
CA VAL A 146 20.73 -60.86 18.26
C VAL A 146 21.87 -61.86 18.23
N GLN A 147 21.69 -63.02 18.85
CA GLN A 147 22.74 -64.04 18.91
C GLN A 147 22.23 -65.36 18.33
N TRP A 148 22.94 -65.91 17.33
CA TRP A 148 22.53 -67.18 16.72
C TRP A 148 23.24 -68.33 17.38
N LYS A 149 22.47 -69.35 17.75
CA LYS A 149 23.05 -70.51 18.40
C LYS A 149 22.53 -71.81 17.84
N VAL A 150 23.42 -72.52 17.14
CA VAL A 150 23.10 -73.82 16.54
C VAL A 150 23.60 -74.86 17.54
N ASP A 151 22.68 -75.42 18.31
CA ASP A 151 23.04 -76.41 19.32
C ASP A 151 24.09 -75.77 20.24
N ASN A 152 23.74 -74.62 20.81
CA ASN A 152 24.63 -73.91 21.71
C ASN A 152 25.92 -73.40 21.10
N ALA A 153 25.93 -73.18 19.79
CA ALA A 153 27.12 -72.67 19.11
C ALA A 153 26.83 -71.23 18.62
N LEU A 154 27.63 -70.26 19.08
CA LEU A 154 27.46 -68.87 18.67
C LEU A 154 27.99 -68.63 17.26
N GLN A 155 27.07 -68.57 16.29
CA GLN A 155 27.38 -68.40 14.87
C GLN A 155 27.89 -67.02 14.45
N SER A 156 29.21 -66.91 14.33
CA SER A 156 29.84 -65.64 13.97
C SER A 156 30.31 -65.58 12.51
N GLY A 157 30.16 -64.41 11.89
CA GLY A 157 30.60 -64.25 10.51
C GLY A 157 29.56 -64.63 9.47
N ASN A 158 28.58 -65.42 9.86
CA ASN A 158 27.56 -65.84 8.90
C ASN A 158 26.14 -65.38 9.23
N SER A 159 25.97 -64.08 9.46
CA SER A 159 24.66 -63.49 9.78
C SER A 159 24.62 -62.03 9.31
N GLN A 160 23.42 -61.52 9.03
CA GLN A 160 23.27 -60.13 8.59
C GLN A 160 21.95 -59.57 9.09
N GLU A 161 21.93 -58.29 9.45
CA GLU A 161 20.71 -57.69 9.99
C GLU A 161 20.13 -56.57 9.17
N SER A 162 18.81 -56.51 9.15
CA SER A 162 18.10 -55.48 8.39
C SER A 162 17.17 -54.69 9.28
N VAL A 163 17.57 -53.48 9.63
CA VAL A 163 16.78 -52.59 10.48
C VAL A 163 15.94 -51.64 9.67
N THR A 164 14.65 -51.57 9.97
CA THR A 164 13.73 -50.69 9.26
C THR A 164 13.80 -49.22 9.75
N GLU A 165 13.31 -48.27 8.95
CA GLU A 165 13.33 -46.87 9.38
C GLU A 165 12.19 -46.76 10.39
N GLN A 166 12.17 -45.69 11.18
CA GLN A 166 11.11 -45.50 12.17
C GLN A 166 9.72 -45.52 11.56
N ASP A 167 8.71 -45.85 12.36
CA ASP A 167 7.36 -45.86 11.84
C ASP A 167 6.84 -44.44 11.88
N SER A 168 6.18 -44.05 10.79
CA SER A 168 5.61 -42.73 10.60
C SER A 168 4.53 -42.40 11.63
N LYS A 169 3.99 -43.42 12.27
CA LYS A 169 2.93 -43.23 13.26
C LYS A 169 3.41 -43.65 14.64
N ASP A 170 3.62 -44.95 14.79
CA ASP A 170 4.06 -45.55 16.05
C ASP A 170 5.49 -45.25 16.59
N SER A 171 6.44 -44.81 15.76
CA SER A 171 7.81 -44.46 16.19
C SER A 171 8.84 -45.55 16.44
N THR A 172 8.44 -46.81 16.30
CA THR A 172 9.33 -47.93 16.58
C THR A 172 9.99 -48.60 15.37
N TYR A 173 11.12 -49.24 15.64
CA TYR A 173 11.89 -49.95 14.63
C TYR A 173 11.52 -51.42 14.59
N SER A 174 12.16 -52.13 13.68
CA SER A 174 11.96 -53.56 13.49
C SER A 174 13.28 -53.99 12.88
N LEU A 175 13.64 -55.24 13.07
CA LEU A 175 14.91 -55.75 12.54
C LEU A 175 14.72 -57.15 12.00
N SER A 176 15.68 -57.57 11.19
CA SER A 176 15.62 -58.88 10.62
C SER A 176 17.03 -59.40 10.47
N SER A 177 17.32 -60.50 11.15
CA SER A 177 18.63 -61.14 11.09
C SER A 177 18.46 -62.51 10.46
N THR A 178 19.36 -62.84 9.55
CA THR A 178 19.30 -64.12 8.88
C THR A 178 20.59 -64.91 9.07
N LEU A 179 20.48 -66.23 8.98
CA LEU A 179 21.63 -67.12 9.14
C LEU A 179 21.76 -68.01 7.91
N THR A 180 22.87 -67.87 7.18
CA THR A 180 23.11 -68.63 5.97
C THR A 180 24.02 -69.84 6.14
N LEU A 181 23.52 -71.02 5.77
CA LEU A 181 24.30 -72.25 5.90
C LEU A 181 24.20 -73.08 4.64
N SER A 182 24.79 -74.26 4.72
CA SER A 182 24.77 -75.24 3.66
C SER A 182 23.70 -76.24 4.09
N LYS A 183 22.97 -76.77 3.14
CA LYS A 183 21.94 -77.76 3.43
C LYS A 183 22.69 -78.92 4.09
N ALA A 184 24.02 -78.82 4.06
CA ALA A 184 24.91 -79.81 4.63
C ALA A 184 25.10 -79.55 6.12
N ASP A 185 25.40 -78.30 6.47
CA ASP A 185 25.61 -77.95 7.88
C ASP A 185 24.29 -77.72 8.61
N TYR A 186 23.21 -77.55 7.87
CA TYR A 186 21.89 -77.35 8.48
C TYR A 186 21.34 -78.67 8.95
N GLU A 187 21.21 -79.61 8.02
CA GLU A 187 20.69 -80.93 8.32
C GLU A 187 21.73 -81.73 9.11
N LYS A 188 22.73 -81.01 9.62
CA LYS A 188 23.81 -81.59 10.40
C LYS A 188 23.55 -81.29 11.88
N HIS A 189 22.57 -80.41 12.13
CA HIS A 189 22.21 -80.00 13.49
C HIS A 189 20.68 -79.86 13.67
N LYS A 190 20.19 -79.99 14.90
CA LYS A 190 18.76 -79.88 15.15
C LYS A 190 18.33 -78.59 15.84
N VAL A 191 18.95 -78.29 16.98
CA VAL A 191 18.60 -77.06 17.71
C VAL A 191 19.07 -75.81 17.01
N TYR A 192 18.16 -74.86 16.82
CA TYR A 192 18.45 -73.59 16.19
C TYR A 192 17.76 -72.49 16.99
N ALA A 193 18.54 -71.83 17.84
CA ALA A 193 18.00 -70.78 18.69
C ALA A 193 18.48 -69.39 18.34
N CYS A 194 17.54 -68.44 18.40
CA CYS A 194 17.79 -67.03 18.13
C CYS A 194 17.71 -66.25 19.45
N GLU A 195 18.84 -65.67 19.84
CA GLU A 195 18.93 -64.91 21.09
C GLU A 195 18.80 -63.41 20.89
N VAL A 196 17.85 -62.80 21.59
CA VAL A 196 17.61 -61.36 21.49
C VAL A 196 17.68 -60.62 22.82
N THR A 197 18.64 -59.71 22.95
CA THR A 197 18.83 -58.93 24.16
C THR A 197 18.45 -57.48 23.94
N HIS A 198 17.26 -57.07 24.38
CA HIS A 198 16.94 -55.67 24.18
C HIS A 198 16.77 -54.90 25.47
N GLN A 199 17.01 -53.60 25.43
CA GLN A 199 16.86 -52.80 26.63
C GLN A 199 15.48 -53.12 27.19
N GLY A 200 14.46 -53.01 26.34
CA GLY A 200 13.08 -53.27 26.75
C GLY A 200 12.88 -54.58 27.46
N LEU A 201 13.66 -55.59 27.04
CA LEU A 201 13.60 -56.95 27.59
C LEU A 201 14.28 -57.14 28.95
N SER A 202 13.47 -57.41 29.97
CA SER A 202 13.97 -57.62 31.32
C SER A 202 15.09 -58.68 31.36
N SER A 203 14.97 -59.68 30.49
CA SER A 203 15.93 -60.77 30.42
C SER A 203 15.98 -61.35 29.01
N PRO A 204 17.19 -61.63 28.49
CA PRO A 204 17.45 -62.17 27.14
C PRO A 204 16.40 -63.16 26.64
N VAL A 205 15.65 -62.80 25.60
CA VAL A 205 14.61 -63.70 25.09
C VAL A 205 15.04 -64.53 23.90
N THR A 206 14.86 -65.84 24.00
CA THR A 206 15.25 -66.72 22.93
C THR A 206 14.06 -67.49 22.36
N LYS A 207 14.10 -67.68 21.04
CA LYS A 207 13.08 -68.43 20.32
C LYS A 207 13.90 -69.44 19.53
N SER A 208 13.34 -70.62 19.25
CA SER A 208 14.07 -71.63 18.49
C SER A 208 13.17 -72.78 18.06
N PHE A 209 13.72 -73.64 17.20
CA PHE A 209 12.99 -74.80 16.67
C PHE A 209 13.94 -76.00 16.49
N ASN A 210 13.37 -77.18 16.24
CA ASN A 210 14.15 -78.42 16.02
C ASN A 210 14.10 -78.86 14.57
N ARG A 211 15.26 -79.16 14.01
CA ARG A 211 15.31 -79.56 12.62
C ARG A 211 14.59 -80.86 12.37
N GLY A 212 13.59 -80.81 11.49
CA GLY A 212 12.83 -82.00 11.16
C GLY A 212 11.54 -82.07 11.94
N GLU A 213 11.07 -80.93 12.40
CA GLU A 213 9.84 -80.86 13.18
C GLU A 213 9.25 -79.47 13.04
N CYS A 214 10.08 -78.45 13.27
CA CYS A 214 9.70 -77.04 13.16
C CYS A 214 8.34 -76.67 13.78
N GLU B 1 -3.95 -32.32 -11.18
CA GLU B 1 -2.95 -32.82 -10.19
C GLU B 1 -1.59 -32.84 -10.89
N VAL B 2 -0.62 -32.09 -10.40
CA VAL B 2 0.72 -32.07 -10.99
C VAL B 2 1.30 -33.45 -10.70
N GLN B 3 1.84 -34.12 -11.73
CA GLN B 3 2.40 -35.46 -11.57
C GLN B 3 3.71 -35.60 -12.34
N LEU B 4 4.75 -36.06 -11.68
CA LEU B 4 6.02 -36.25 -12.35
C LEU B 4 6.45 -37.70 -12.25
N VAL B 5 6.11 -38.51 -13.24
CA VAL B 5 6.48 -39.92 -13.23
C VAL B 5 7.82 -40.12 -13.92
N GLU B 6 8.63 -41.04 -13.39
CA GLU B 6 9.97 -41.33 -13.90
C GLU B 6 10.19 -42.77 -14.41
N SER B 7 11.18 -42.94 -15.29
CA SER B 7 11.51 -44.25 -15.86
C SER B 7 12.85 -44.22 -16.58
N GLY B 8 13.35 -45.41 -16.91
CA GLY B 8 14.61 -45.52 -17.62
C GLY B 8 15.79 -46.04 -16.82
N GLY B 9 15.70 -46.12 -15.51
CA GLY B 9 16.84 -46.60 -14.75
C GLY B 9 17.03 -48.11 -14.67
N GLY B 10 18.15 -48.52 -14.08
CA GLY B 10 18.46 -49.92 -13.93
C GLY B 10 19.94 -50.23 -13.70
N LEU B 11 20.44 -51.24 -14.40
CA LEU B 11 21.85 -51.60 -14.26
C LEU B 11 22.50 -51.17 -15.57
N VAL B 12 23.67 -50.56 -15.48
CA VAL B 12 24.41 -50.17 -16.67
C VAL B 12 25.88 -50.43 -16.44
N GLN B 13 26.55 -50.88 -17.49
CA GLN B 13 27.98 -51.20 -17.43
C GLN B 13 28.79 -49.91 -17.39
N PRO B 14 29.91 -49.93 -16.67
CA PRO B 14 30.74 -48.72 -16.58
C PRO B 14 31.17 -48.34 -17.99
N GLY B 15 31.26 -47.05 -18.25
CA GLY B 15 31.63 -46.61 -19.58
C GLY B 15 30.45 -46.78 -20.52
N GLY B 16 29.26 -46.98 -19.96
CA GLY B 16 28.06 -47.15 -20.76
C GLY B 16 27.14 -45.93 -20.70
N SER B 17 25.92 -46.07 -21.19
CA SER B 17 24.99 -44.95 -21.19
C SER B 17 23.61 -45.35 -20.75
N LEU B 18 22.72 -44.38 -20.63
CA LEU B 18 21.36 -44.65 -20.19
C LEU B 18 20.56 -43.36 -20.30
N ARG B 19 19.35 -43.43 -20.84
CA ARG B 19 18.55 -42.22 -20.96
C ARG B 19 17.30 -42.31 -20.07
N LEU B 20 17.22 -41.45 -19.04
CA LEU B 20 16.06 -41.43 -18.13
C LEU B 20 14.93 -40.66 -18.75
N SER B 21 13.74 -40.83 -18.20
CA SER B 21 12.54 -40.15 -18.70
C SER B 21 11.72 -39.55 -17.58
N CYS B 22 11.08 -38.41 -17.83
CA CYS B 22 10.27 -37.80 -16.79
C CYS B 22 8.95 -37.39 -17.41
N ALA B 23 7.95 -38.21 -17.26
CA ALA B 23 6.70 -37.88 -17.86
C ALA B 23 5.89 -37.06 -16.87
N ALA B 24 5.63 -35.81 -17.25
CA ALA B 24 4.86 -34.87 -16.42
C ALA B 24 3.38 -34.78 -16.83
N SER B 25 2.49 -34.65 -15.84
CA SER B 25 1.04 -34.56 -16.10
C SER B 25 0.38 -33.55 -15.15
N GLY B 26 -0.62 -32.80 -15.63
CA GLY B 26 -1.29 -31.90 -14.71
C GLY B 26 -1.08 -30.40 -14.79
N TYR B 27 -0.15 -29.93 -15.62
CA TYR B 27 0.08 -28.49 -15.74
C TYR B 27 0.56 -28.19 -17.17
N SER B 28 0.71 -26.94 -17.56
CA SER B 28 1.18 -26.69 -18.93
C SER B 28 2.69 -26.85 -19.06
N PHE B 29 3.12 -28.04 -19.45
CA PHE B 29 4.54 -28.36 -19.60
C PHE B 29 5.50 -27.28 -20.07
N THR B 30 5.13 -26.51 -21.08
CA THR B 30 6.00 -25.47 -21.62
C THR B 30 6.04 -24.17 -20.80
N GLY B 31 5.51 -24.18 -19.59
CA GLY B 31 5.50 -22.96 -18.80
C GLY B 31 6.43 -22.92 -17.60
N HIS B 32 7.01 -24.07 -17.26
CA HIS B 32 7.92 -24.17 -16.13
C HIS B 32 9.29 -24.75 -16.43
N TRP B 33 10.28 -24.39 -15.64
CA TRP B 33 11.59 -24.98 -15.85
C TRP B 33 11.55 -26.40 -15.30
N MET B 34 12.39 -27.29 -15.82
CA MET B 34 12.45 -28.64 -15.31
C MET B 34 13.90 -28.97 -14.96
N ASN B 35 14.09 -29.57 -13.79
CA ASN B 35 15.42 -29.91 -13.29
C ASN B 35 15.67 -31.40 -13.10
N TRP B 36 16.93 -31.77 -12.92
CA TRP B 36 17.26 -33.16 -12.64
C TRP B 36 18.12 -33.12 -11.39
N VAL B 37 17.68 -33.81 -10.35
CA VAL B 37 18.45 -33.83 -9.13
C VAL B 37 18.66 -35.27 -8.72
N ARG B 38 19.92 -35.65 -8.56
CA ARG B 38 20.29 -37.01 -8.21
C ARG B 38 20.66 -37.16 -6.74
N GLN B 39 20.66 -38.40 -6.25
CA GLN B 39 21.00 -38.66 -4.85
C GLN B 39 21.75 -39.95 -4.62
N ALA B 40 23.05 -39.85 -4.29
CA ALA B 40 23.88 -41.03 -4.04
C ALA B 40 23.42 -41.80 -2.82
N PRO B 41 23.27 -43.11 -2.95
CA PRO B 41 22.81 -43.92 -1.82
C PRO B 41 23.23 -43.35 -0.47
N GLY B 42 22.24 -42.92 0.31
CA GLY B 42 22.53 -42.39 1.63
C GLY B 42 23.41 -41.17 1.72
N LYS B 43 23.33 -40.29 0.74
CA LYS B 43 24.14 -39.07 0.80
C LYS B 43 23.31 -37.84 0.49
N GLY B 44 24.03 -36.73 0.32
CA GLY B 44 23.38 -35.47 0.03
C GLY B 44 22.77 -35.48 -1.35
N LEU B 45 22.13 -34.37 -1.72
CA LEU B 45 21.51 -34.24 -3.03
C LEU B 45 22.49 -33.44 -3.87
N GLU B 46 22.42 -33.62 -5.19
CA GLU B 46 23.30 -32.92 -6.13
C GLU B 46 22.47 -32.40 -7.30
N TRP B 47 22.69 -31.16 -7.70
CA TRP B 47 21.91 -30.65 -8.79
C TRP B 47 22.64 -30.89 -10.10
N VAL B 48 21.92 -31.40 -11.09
CA VAL B 48 22.51 -31.67 -12.38
C VAL B 48 22.32 -30.52 -13.36
N GLY B 49 21.08 -30.07 -13.52
CA GLY B 49 20.78 -28.97 -14.44
C GLY B 49 19.30 -28.77 -14.77
N MET B 50 19.02 -27.75 -15.56
CA MET B 50 17.63 -27.47 -15.89
C MET B 50 17.45 -27.13 -17.34
N ILE B 51 16.27 -27.43 -17.85
CA ILE B 51 15.93 -27.14 -19.23
C ILE B 51 14.53 -26.54 -19.28
N HIS B 52 14.26 -25.78 -20.31
CA HIS B 52 12.94 -25.18 -20.46
C HIS B 52 12.23 -25.75 -21.68
N PRO B 53 11.17 -26.53 -21.46
CA PRO B 53 10.38 -27.14 -22.51
C PRO B 53 10.20 -26.30 -23.75
N SER B 54 9.59 -25.12 -23.58
CA SER B 54 9.33 -24.21 -24.70
C SER B 54 10.41 -24.09 -25.79
N ASP B 55 11.69 -24.09 -25.43
CA ASP B 55 12.71 -23.98 -26.46
C ASP B 55 13.97 -24.75 -26.15
N SER B 56 14.00 -25.39 -24.99
CA SER B 56 15.16 -26.18 -24.59
C SER B 56 16.37 -25.41 -24.08
N GLU B 57 16.17 -24.17 -23.59
CA GLU B 57 17.29 -23.35 -23.04
C GLU B 57 17.72 -24.26 -21.88
N THR B 58 19.02 -24.41 -21.73
CA THR B 58 19.51 -25.29 -20.70
C THR B 58 20.60 -24.63 -19.89
N ARG B 59 20.68 -25.06 -18.64
CA ARG B 59 21.69 -24.56 -17.73
C ARG B 59 22.10 -25.77 -16.89
N TYR B 60 23.39 -26.15 -16.95
CA TYR B 60 23.87 -27.31 -16.19
C TYR B 60 24.78 -26.91 -15.04
N ASN B 61 25.06 -27.89 -14.19
CA ASN B 61 25.98 -27.72 -13.07
C ASN B 61 27.18 -28.17 -13.91
N GLN B 62 28.33 -27.49 -13.81
CA GLN B 62 29.46 -27.89 -14.67
C GLN B 62 29.95 -29.32 -14.45
N LYS B 63 29.84 -29.80 -13.24
CA LYS B 63 30.27 -31.16 -12.92
C LYS B 63 29.67 -32.16 -13.91
N PHE B 64 28.44 -31.90 -14.32
CA PHE B 64 27.74 -32.80 -15.21
C PHE B 64 27.64 -32.39 -16.66
N LYS B 65 28.24 -31.27 -17.04
CA LYS B 65 28.11 -30.82 -18.43
C LYS B 65 28.89 -31.64 -19.43
N ASP B 66 29.92 -32.33 -18.97
CA ASP B 66 30.70 -33.10 -19.90
C ASP B 66 30.04 -34.37 -20.32
N ARG B 67 29.39 -35.06 -19.40
CA ARG B 67 28.77 -36.28 -19.81
C ARG B 67 27.27 -36.23 -19.87
N PHE B 68 26.65 -35.47 -18.98
CA PHE B 68 25.20 -35.41 -18.97
C PHE B 68 24.57 -34.44 -19.97
N THR B 69 23.69 -34.92 -20.83
CA THR B 69 23.03 -34.04 -21.79
C THR B 69 21.56 -34.07 -21.48
N ILE B 70 20.89 -32.93 -21.50
CA ILE B 70 19.45 -32.90 -21.18
C ILE B 70 18.71 -32.50 -22.44
N SER B 71 17.51 -33.05 -22.67
CA SER B 71 16.71 -32.68 -23.85
C SER B 71 15.26 -32.86 -23.51
N VAL B 72 14.40 -32.75 -24.52
CA VAL B 72 12.99 -32.90 -24.24
C VAL B 72 12.15 -33.25 -25.45
N ASP B 73 10.89 -33.63 -25.21
CA ASP B 73 9.92 -33.97 -26.27
C ASP B 73 8.61 -33.28 -25.93
N LYS B 74 8.42 -32.06 -26.40
CA LYS B 74 7.18 -31.33 -26.11
C LYS B 74 5.96 -32.16 -26.50
N SER B 75 6.07 -32.94 -27.57
CA SER B 75 4.94 -33.75 -28.02
C SER B 75 4.33 -34.64 -26.93
N LYS B 76 5.21 -35.37 -26.24
CA LYS B 76 4.84 -36.33 -25.18
C LYS B 76 4.88 -35.74 -23.78
N ASN B 77 5.29 -34.49 -23.64
CA ASN B 77 5.39 -33.90 -22.32
C ASN B 77 6.37 -34.69 -21.48
N THR B 78 7.40 -35.22 -22.12
CA THR B 78 8.40 -36.01 -21.44
C THR B 78 9.77 -35.36 -21.42
N LEU B 79 10.38 -35.41 -20.25
CA LEU B 79 11.71 -34.85 -19.99
C LEU B 79 12.73 -36.00 -20.00
N TYR B 80 13.88 -35.80 -20.67
CA TYR B 80 14.91 -36.84 -20.72
C TYR B 80 16.25 -36.37 -20.15
N LEU B 81 17.08 -37.34 -19.80
CA LEU B 81 18.41 -37.08 -19.27
C LEU B 81 19.35 -38.13 -19.85
N GLN B 82 20.27 -37.67 -20.69
CA GLN B 82 21.25 -38.51 -21.37
C GLN B 82 22.53 -38.54 -20.54
N MET B 83 22.97 -39.72 -20.12
CA MET B 83 24.18 -39.89 -19.28
C MET B 83 25.23 -40.73 -19.99
N ASN B 84 26.46 -40.24 -20.15
CA ASN B 84 27.48 -41.03 -20.83
C ASN B 84 28.73 -41.35 -20.02
N SER B 85 29.38 -42.47 -20.34
CA SER B 85 30.60 -42.86 -19.64
C SER B 85 30.41 -42.83 -18.14
N LEU B 86 29.34 -43.44 -17.69
CA LEU B 86 29.00 -43.51 -16.29
C LEU B 86 30.04 -44.26 -15.49
N ARG B 87 30.18 -43.91 -14.22
CA ARG B 87 31.11 -44.63 -13.36
C ARG B 87 30.47 -44.99 -12.02
N ALA B 88 31.20 -45.77 -11.24
CA ALA B 88 30.75 -46.23 -9.93
C ALA B 88 30.08 -45.17 -9.08
N GLU B 89 30.62 -43.95 -9.10
CA GLU B 89 30.04 -42.90 -8.29
C GLU B 89 28.69 -42.41 -8.81
N ASP B 90 28.47 -42.51 -10.13
CA ASP B 90 27.23 -42.06 -10.72
C ASP B 90 26.03 -42.88 -10.32
N THR B 91 26.23 -43.87 -9.47
CA THR B 91 25.11 -44.68 -9.01
C THR B 91 24.38 -43.79 -8.02
N ALA B 92 23.06 -43.68 -8.18
CA ALA B 92 22.22 -42.86 -7.32
C ALA B 92 20.77 -42.90 -7.79
N VAL B 93 19.93 -42.12 -7.14
CA VAL B 93 18.54 -42.08 -7.54
C VAL B 93 18.44 -40.74 -8.22
N TYR B 94 17.88 -40.72 -9.43
CA TYR B 94 17.73 -39.47 -10.17
C TYR B 94 16.30 -39.00 -10.21
N TYR B 95 16.01 -37.88 -9.54
CA TYR B 95 14.64 -37.36 -9.55
C TYR B 95 14.54 -36.21 -10.55
N CYS B 96 13.33 -35.94 -11.03
CA CYS B 96 13.13 -34.82 -11.90
C CYS B 96 12.09 -34.07 -11.15
N ALA B 97 12.30 -32.76 -11.06
CA ALA B 97 11.43 -31.87 -10.31
C ALA B 97 11.16 -30.55 -11.03
N ARG B 98 9.90 -30.15 -11.04
CA ARG B 98 9.47 -28.89 -11.66
C ARG B 98 10.01 -27.79 -10.76
N GLY B 99 10.22 -26.59 -11.28
CA GLY B 99 10.77 -25.57 -10.40
C GLY B 99 10.31 -24.14 -10.57
N ILE B 100 10.34 -23.38 -9.49
CA ILE B 100 9.93 -22.00 -9.56
C ILE B 100 11.13 -21.08 -9.80
N TYR B 101 11.14 -20.41 -10.95
CA TYR B 101 12.25 -19.52 -11.35
C TYR B 101 11.99 -18.07 -10.87
N PHE B 102 10.86 -17.84 -10.19
CA PHE B 102 10.48 -16.48 -9.71
C PHE B 102 11.38 -15.77 -8.69
N TYR B 103 11.78 -16.46 -7.62
CA TYR B 103 12.61 -15.88 -6.56
C TYR B 103 14.04 -16.37 -6.66
N GLY B 104 14.96 -15.43 -6.51
CA GLY B 104 16.38 -15.76 -6.56
C GLY B 104 16.89 -16.49 -7.79
N THR B 105 16.95 -17.81 -7.71
CA THR B 105 17.40 -18.58 -8.85
C THR B 105 16.32 -19.58 -9.17
N THR B 106 16.27 -20.66 -8.39
CA THR B 106 15.29 -21.76 -8.53
C THR B 106 15.17 -22.71 -7.32
N TYR B 107 13.93 -22.98 -6.91
CA TYR B 107 13.69 -23.91 -5.81
C TYR B 107 12.64 -24.82 -6.38
N PHE B 108 12.70 -26.10 -6.04
CA PHE B 108 11.78 -27.09 -6.59
C PHE B 108 10.61 -27.37 -5.70
N ASP B 109 9.43 -27.41 -6.30
CA ASP B 109 8.22 -27.64 -5.51
C ASP B 109 7.47 -28.95 -5.80
N TYR B 110 7.68 -29.53 -6.97
CA TYR B 110 7.01 -30.78 -7.31
C TYR B 110 8.05 -31.79 -7.78
N TRP B 111 8.37 -32.77 -6.96
CA TRP B 111 9.37 -33.74 -7.35
C TRP B 111 8.76 -35.01 -7.88
N GLY B 112 9.61 -35.90 -8.40
CA GLY B 112 9.16 -37.19 -8.91
C GLY B 112 9.52 -38.24 -7.87
N GLN B 113 8.97 -39.45 -8.01
CA GLN B 113 9.24 -40.51 -7.03
C GLN B 113 10.69 -41.01 -7.00
N GLY B 114 11.42 -40.79 -8.10
CA GLY B 114 12.81 -41.18 -8.19
C GLY B 114 13.12 -42.42 -9.04
N THR B 115 14.35 -42.52 -9.53
CA THR B 115 14.74 -43.68 -10.35
C THR B 115 16.17 -44.16 -10.00
N LEU B 116 16.31 -45.43 -9.60
CA LEU B 116 17.60 -45.95 -9.17
C LEU B 116 18.51 -46.42 -10.28
N VAL B 117 19.61 -45.72 -10.47
CA VAL B 117 20.59 -46.08 -11.49
C VAL B 117 21.80 -46.73 -10.83
N THR B 118 22.07 -47.97 -11.21
CA THR B 118 23.20 -48.69 -10.64
C THR B 118 24.26 -48.93 -11.71
N VAL B 119 25.46 -48.46 -11.46
CA VAL B 119 26.54 -48.62 -12.43
C VAL B 119 27.53 -49.67 -11.97
N SER B 120 27.41 -50.89 -12.48
CA SER B 120 28.33 -51.96 -12.11
C SER B 120 28.43 -52.93 -13.28
N SER B 121 29.51 -53.70 -13.33
CA SER B 121 29.71 -54.67 -14.40
C SER B 121 29.16 -56.05 -14.06
N ALA B 122 28.27 -56.10 -13.07
CA ALA B 122 27.67 -57.36 -12.66
C ALA B 122 26.50 -57.60 -13.60
N SER B 123 25.85 -58.76 -13.49
CA SER B 123 24.72 -59.10 -14.36
C SER B 123 23.40 -59.09 -13.63
N THR B 124 22.32 -58.73 -14.32
CA THR B 124 21.01 -58.71 -13.69
C THR B 124 20.67 -60.14 -13.30
N LYS B 125 20.00 -60.29 -12.16
CA LYS B 125 19.65 -61.61 -11.67
C LYS B 125 18.24 -61.57 -11.11
N GLY B 126 17.45 -62.60 -11.41
CA GLY B 126 16.09 -62.67 -10.92
C GLY B 126 16.02 -63.14 -9.47
N PRO B 127 15.15 -62.54 -8.64
CA PRO B 127 15.03 -62.94 -7.23
C PRO B 127 14.21 -64.21 -7.11
N SER B 128 14.38 -64.89 -5.96
CA SER B 128 13.65 -66.12 -5.67
C SER B 128 12.89 -65.85 -4.40
N VAL B 129 11.61 -66.21 -4.39
CA VAL B 129 10.81 -65.98 -3.21
C VAL B 129 10.54 -67.24 -2.42
N PHE B 130 11.04 -67.26 -1.18
CA PHE B 130 10.85 -68.38 -0.27
C PHE B 130 9.89 -67.96 0.83
N PRO B 131 8.82 -68.73 1.06
CA PRO B 131 7.84 -68.40 2.09
C PRO B 131 8.35 -68.45 3.52
N LEU B 132 7.93 -67.49 4.33
CA LEU B 132 8.29 -67.46 5.74
C LEU B 132 6.99 -67.81 6.44
N ALA B 133 6.70 -69.12 6.48
CA ALA B 133 5.48 -69.65 7.09
C ALA B 133 5.32 -69.29 8.56
N PRO B 134 4.07 -69.20 9.02
CA PRO B 134 3.67 -68.86 10.39
C PRO B 134 3.90 -69.97 11.42
N SER B 135 4.06 -69.53 12.67
CA SER B 135 4.31 -70.41 13.80
C SER B 135 3.50 -71.68 13.86
N SER B 136 4.12 -72.71 14.44
CA SER B 136 3.48 -74.01 14.57
C SER B 136 2.61 -74.06 15.82
N GLY B 142 -1.54 -63.40 21.21
CA GLY B 142 -2.38 -63.98 20.18
C GLY B 142 -2.16 -63.34 18.83
N THR B 143 -0.89 -63.10 18.50
CA THR B 143 -0.51 -62.49 17.22
C THR B 143 0.61 -63.29 16.54
N ALA B 144 0.44 -63.58 15.25
CA ALA B 144 1.46 -64.32 14.52
C ALA B 144 1.87 -63.56 13.29
N ALA B 145 3.08 -63.83 12.80
CA ALA B 145 3.58 -63.14 11.60
C ALA B 145 4.11 -64.15 10.57
N LEU B 146 4.04 -63.76 9.30
CA LEU B 146 4.50 -64.61 8.19
C LEU B 146 5.15 -63.73 7.13
N GLY B 147 6.22 -64.19 6.51
CA GLY B 147 6.86 -63.34 5.53
C GLY B 147 7.28 -63.98 4.22
N CYS B 148 7.90 -63.16 3.38
CA CYS B 148 8.40 -63.56 2.08
C CYS B 148 9.86 -63.17 2.02
N LEU B 149 10.73 -64.11 1.71
CA LEU B 149 12.15 -63.82 1.62
C LEU B 149 12.58 -63.74 0.17
N VAL B 150 12.91 -62.54 -0.28
CA VAL B 150 13.34 -62.38 -1.65
C VAL B 150 14.85 -62.50 -1.73
N LYS B 151 15.34 -63.71 -2.05
CA LYS B 151 16.78 -63.92 -2.12
C LYS B 151 17.47 -63.75 -3.45
N ASP B 152 18.77 -63.52 -3.38
CA ASP B 152 19.65 -63.34 -4.52
C ASP B 152 19.03 -62.68 -5.75
N TYR B 153 19.37 -61.41 -5.93
CA TYR B 153 18.87 -60.63 -7.05
C TYR B 153 19.73 -59.38 -7.17
N PHE B 154 19.96 -58.95 -8.40
CA PHE B 154 20.76 -57.78 -8.65
C PHE B 154 20.26 -57.19 -9.95
N PRO B 155 20.26 -55.85 -10.05
CA PRO B 155 20.74 -55.01 -8.96
C PRO B 155 19.49 -54.66 -8.17
N GLU B 156 19.43 -53.47 -7.61
CA GLU B 156 18.22 -53.10 -6.90
C GLU B 156 17.34 -52.24 -7.80
N PRO B 157 16.06 -52.04 -7.42
CA PRO B 157 15.40 -52.54 -6.22
C PRO B 157 14.26 -53.54 -6.46
N VAL B 158 13.64 -53.98 -5.35
CA VAL B 158 12.51 -54.92 -5.37
C VAL B 158 11.35 -54.28 -4.61
N THR B 159 10.16 -54.31 -5.17
CA THR B 159 8.98 -53.74 -4.52
C THR B 159 8.17 -54.91 -4.06
N VAL B 160 7.56 -54.80 -2.89
CA VAL B 160 6.75 -55.89 -2.35
C VAL B 160 5.49 -55.38 -1.68
N SER B 161 4.35 -55.94 -2.06
CA SER B 161 3.09 -55.55 -1.45
C SER B 161 2.39 -56.86 -1.17
N TRP B 162 1.33 -56.82 -0.36
CA TRP B 162 0.59 -58.03 0.00
C TRP B 162 -0.89 -58.00 -0.41
N ASN B 163 -1.36 -59.12 -0.99
CA ASN B 163 -2.75 -59.23 -1.42
C ASN B 163 -3.13 -58.04 -2.29
N SER B 164 -2.33 -57.80 -3.32
CA SER B 164 -2.57 -56.71 -4.25
C SER B 164 -2.61 -55.33 -3.59
N GLY B 165 -2.02 -55.19 -2.40
CA GLY B 165 -2.03 -53.90 -1.75
C GLY B 165 -3.25 -53.69 -0.85
N ALA B 166 -4.10 -54.70 -0.74
CA ALA B 166 -5.30 -54.59 0.09
C ALA B 166 -4.98 -54.74 1.58
N LEU B 167 -3.76 -55.21 1.88
CA LEU B 167 -3.30 -55.40 3.25
C LEU B 167 -2.05 -54.56 3.54
N THR B 168 -2.25 -53.44 4.23
CA THR B 168 -1.13 -52.55 4.56
C THR B 168 -0.74 -52.45 6.03
N SER B 169 -1.70 -52.68 6.94
CA SER B 169 -1.37 -52.60 8.37
C SER B 169 -0.47 -53.77 8.82
N GLY B 170 0.45 -53.49 9.73
CA GLY B 170 1.35 -54.51 10.25
C GLY B 170 2.30 -55.09 9.21
N VAL B 171 2.53 -54.36 8.11
CA VAL B 171 3.44 -54.82 7.06
C VAL B 171 4.81 -54.12 7.13
N HIS B 172 5.86 -54.92 7.26
CA HIS B 172 7.21 -54.40 7.36
C HIS B 172 8.07 -55.08 6.28
N THR B 173 8.57 -54.30 5.33
CA THR B 173 9.43 -54.82 4.25
C THR B 173 10.81 -54.25 4.52
N PHE B 174 11.72 -55.07 5.01
CA PHE B 174 13.07 -54.61 5.35
C PHE B 174 14.03 -54.27 4.23
N PRO B 175 14.93 -53.30 4.47
CA PRO B 175 15.94 -52.84 3.52
C PRO B 175 16.78 -53.97 2.94
N ALA B 176 17.16 -53.86 1.67
CA ALA B 176 17.96 -54.88 1.01
C ALA B 176 19.36 -54.99 1.58
N VAL B 177 19.76 -56.20 1.93
CA VAL B 177 21.07 -56.42 2.50
C VAL B 177 22.03 -57.03 1.45
N LEU B 178 23.20 -56.41 1.31
CA LEU B 178 24.19 -56.88 0.35
C LEU B 178 24.97 -58.06 0.93
N GLN B 179 24.91 -59.23 0.31
CA GLN B 179 25.63 -60.38 0.81
C GLN B 179 26.91 -60.63 0.01
N SER B 180 27.89 -61.27 0.65
CA SER B 180 29.19 -61.59 0.04
C SER B 180 29.15 -62.17 -1.38
N SER B 181 28.07 -62.89 -1.72
CA SER B 181 27.94 -63.47 -3.06
C SER B 181 27.99 -62.30 -4.05
N GLY B 182 27.44 -61.16 -3.62
CA GLY B 182 27.41 -59.96 -4.43
C GLY B 182 26.00 -59.61 -4.84
N LEU B 183 25.04 -60.42 -4.41
CA LEU B 183 23.64 -60.20 -4.73
C LEU B 183 22.96 -59.59 -3.53
N TYR B 184 21.73 -59.13 -3.70
CA TYR B 184 21.03 -58.55 -2.57
C TYR B 184 20.00 -59.51 -2.09
N SER B 185 19.49 -59.25 -0.89
CA SER B 185 18.47 -60.06 -0.26
C SER B 185 17.82 -59.26 0.85
N LEU B 186 16.54 -59.47 1.05
CA LEU B 186 15.81 -58.75 2.07
C LEU B 186 14.61 -59.60 2.33
N SER B 187 13.83 -59.24 3.34
CA SER B 187 12.63 -60.00 3.61
C SER B 187 11.46 -59.03 3.65
N SER B 188 10.25 -59.54 3.79
CA SER B 188 9.08 -58.69 3.87
C SER B 188 8.08 -59.47 4.67
N VAL B 189 7.90 -59.09 5.93
CA VAL B 189 6.98 -59.79 6.82
C VAL B 189 5.76 -58.98 7.20
N VAL B 190 4.74 -59.68 7.69
CA VAL B 190 3.54 -58.99 8.09
C VAL B 190 2.99 -59.76 9.28
N THR B 191 2.44 -59.05 10.24
CA THR B 191 1.88 -59.63 11.46
C THR B 191 0.36 -59.63 11.39
N VAL B 192 -0.25 -60.81 11.46
CA VAL B 192 -1.71 -60.94 11.40
C VAL B 192 -2.27 -61.66 12.62
N PRO B 193 -3.62 -61.62 12.80
CA PRO B 193 -4.26 -62.26 13.94
C PRO B 193 -3.88 -63.72 13.91
N SER B 194 -3.89 -64.37 15.08
CA SER B 194 -3.54 -65.78 15.12
C SER B 194 -4.73 -66.62 14.68
N SER B 195 -5.89 -65.98 14.56
CA SER B 195 -7.10 -66.68 14.20
C SER B 195 -7.40 -66.72 12.70
N SER B 196 -7.08 -65.64 12.00
CA SER B 196 -7.34 -65.56 10.56
C SER B 196 -6.53 -66.55 9.73
N LEU B 197 -5.43 -67.05 10.29
CA LEU B 197 -4.59 -68.00 9.57
C LEU B 197 -5.36 -69.24 9.15
N GLY B 198 -4.91 -69.90 8.09
CA GLY B 198 -5.57 -71.10 7.63
C GLY B 198 -6.83 -70.78 6.86
N THR B 199 -7.55 -69.74 7.27
CA THR B 199 -8.76 -69.38 6.58
C THR B 199 -8.51 -68.20 5.64
N GLN B 200 -7.65 -67.27 6.04
CA GLN B 200 -7.33 -66.11 5.19
C GLN B 200 -6.10 -66.39 4.36
N THR B 201 -6.18 -66.05 3.08
CA THR B 201 -5.06 -66.28 2.16
C THR B 201 -4.11 -65.08 2.14
N TYR B 202 -2.81 -65.36 2.29
CA TYR B 202 -1.78 -64.33 2.29
C TYR B 202 -0.77 -64.55 1.19
N ILE B 203 -0.72 -63.60 0.27
CA ILE B 203 0.19 -63.65 -0.86
C ILE B 203 0.92 -62.32 -0.96
N CYS B 204 2.22 -62.39 -1.20
CA CYS B 204 2.99 -61.18 -1.38
C CYS B 204 3.17 -61.05 -2.89
N ASN B 205 3.59 -59.89 -3.35
CA ASN B 205 3.76 -59.69 -4.77
C ASN B 205 5.17 -59.19 -4.90
N VAL B 206 6.06 -60.03 -5.42
CA VAL B 206 7.47 -59.68 -5.56
C VAL B 206 7.85 -59.23 -6.96
N ASN B 207 8.04 -57.93 -7.16
CA ASN B 207 8.38 -57.44 -8.48
C ASN B 207 9.78 -56.85 -8.59
N HIS B 208 10.63 -57.51 -9.37
CA HIS B 208 12.00 -57.03 -9.60
C HIS B 208 11.97 -56.46 -11.02
N LYS B 209 12.04 -55.14 -11.10
CA LYS B 209 11.99 -54.49 -12.38
C LYS B 209 13.18 -54.74 -13.29
N PRO B 210 14.40 -54.56 -12.80
CA PRO B 210 15.57 -54.80 -13.65
C PRO B 210 15.56 -56.12 -14.38
N SER B 211 15.32 -57.19 -13.63
CA SER B 211 15.31 -58.54 -14.17
C SER B 211 13.90 -58.99 -14.55
N ASN B 212 13.03 -58.02 -14.79
CA ASN B 212 11.64 -58.28 -15.18
C ASN B 212 11.08 -59.57 -14.59
N THR B 213 11.13 -59.69 -13.27
CA THR B 213 10.64 -60.90 -12.59
C THR B 213 9.44 -60.64 -11.66
N LYS B 214 8.23 -60.98 -12.13
CA LYS B 214 7.00 -60.82 -11.35
C LYS B 214 6.60 -62.12 -10.67
N VAL B 215 6.96 -62.29 -9.41
CA VAL B 215 6.57 -63.51 -8.73
C VAL B 215 5.50 -63.23 -7.71
N ASP B 216 4.45 -64.05 -7.73
CA ASP B 216 3.39 -63.89 -6.75
C ASP B 216 3.64 -65.09 -5.85
N LYS B 217 3.70 -64.86 -4.55
CA LYS B 217 3.95 -65.95 -3.62
C LYS B 217 2.92 -65.98 -2.49
N LYS B 218 2.13 -67.05 -2.46
CA LYS B 218 1.10 -67.24 -1.45
C LYS B 218 1.75 -68.02 -0.31
N VAL B 219 1.69 -67.47 0.89
CA VAL B 219 2.26 -68.12 2.06
C VAL B 219 1.27 -69.11 2.66
N GLU B 220 1.73 -70.36 2.80
CA GLU B 220 0.92 -71.45 3.34
C GLU B 220 -0.31 -71.83 2.52
N GLY C 1 -5.58 -1.59 -39.09
CA GLY C 1 -5.01 -2.95 -39.37
C GLY C 1 -4.25 -3.61 -38.22
N ASN C 2 -2.99 -3.20 -38.04
CA ASN C 2 -2.13 -3.74 -37.00
C ASN C 2 -2.21 -2.99 -35.67
N VAL C 3 -2.11 -3.71 -34.57
CA VAL C 3 -2.14 -3.08 -33.26
C VAL C 3 -1.02 -3.59 -32.37
N ASP C 4 -0.33 -2.65 -31.74
CA ASP C 4 0.76 -2.98 -30.84
C ASP C 4 0.13 -3.10 -29.47
N LEU C 5 0.31 -4.24 -28.82
CA LEU C 5 -0.30 -4.45 -27.51
C LEU C 5 0.76 -4.64 -26.43
N VAL C 6 0.59 -4.01 -25.27
CA VAL C 6 1.55 -4.15 -24.17
C VAL C 6 0.92 -4.77 -22.94
N PHE C 7 1.68 -5.59 -22.25
CA PHE C 7 1.18 -6.23 -21.07
C PHE C 7 1.82 -5.62 -19.88
N LEU C 8 1.10 -4.82 -19.14
CA LEU C 8 1.70 -4.24 -17.94
C LEU C 8 1.12 -4.98 -16.74
N PHE C 9 1.78 -6.04 -16.29
CA PHE C 9 1.30 -6.85 -15.16
C PHE C 9 1.92 -6.49 -13.78
N ASP C 10 1.16 -6.72 -12.70
CA ASP C 10 1.56 -6.43 -11.32
C ASP C 10 2.39 -7.56 -10.66
N GLY C 11 3.58 -7.22 -10.17
CA GLY C 11 4.46 -8.20 -9.52
C GLY C 11 4.73 -7.82 -8.07
N SER C 12 3.73 -7.19 -7.47
CA SER C 12 3.69 -6.74 -6.08
C SER C 12 3.87 -7.92 -5.14
N MET C 13 3.93 -7.62 -3.86
CA MET C 13 4.09 -8.65 -2.82
C MET C 13 2.79 -9.32 -2.39
N SER C 14 1.68 -8.74 -2.72
CA SER C 14 0.42 -9.34 -2.32
C SER C 14 0.11 -10.43 -3.37
N LEU C 15 1.08 -10.76 -4.22
CA LEU C 15 0.84 -11.79 -5.20
C LEU C 15 1.49 -13.02 -4.66
N GLN C 16 0.81 -14.14 -4.78
CA GLN C 16 1.34 -15.42 -4.33
C GLN C 16 2.03 -16.02 -5.56
N PRO C 17 3.04 -16.85 -5.36
CA PRO C 17 3.70 -17.42 -6.54
C PRO C 17 2.74 -18.15 -7.48
N ASP C 18 1.56 -18.53 -7.00
CA ASP C 18 0.59 -19.24 -7.83
C ASP C 18 -0.33 -18.26 -8.56
N GLU C 19 -0.57 -17.13 -7.91
CA GLU C 19 -1.40 -16.08 -8.46
C GLU C 19 -0.63 -15.34 -9.55
N PHE C 20 0.66 -15.19 -9.35
CA PHE C 20 1.51 -14.52 -10.32
C PHE C 20 1.49 -15.39 -11.56
N GLN C 21 1.64 -16.70 -11.36
CA GLN C 21 1.65 -17.67 -12.44
C GLN C 21 0.41 -17.58 -13.31
N LYS C 22 -0.76 -17.48 -12.69
CA LYS C 22 -1.98 -17.37 -13.49
C LYS C 22 -1.94 -16.12 -14.35
N ILE C 23 -1.26 -15.07 -13.87
CA ILE C 23 -1.16 -13.83 -14.62
C ILE C 23 -0.27 -13.97 -15.85
N LEU C 24 0.77 -14.77 -15.71
CA LEU C 24 1.67 -14.99 -16.82
C LEU C 24 1.03 -15.91 -17.85
N ASP C 25 0.19 -16.84 -17.39
CA ASP C 25 -0.47 -17.78 -18.30
C ASP C 25 -1.61 -17.15 -19.05
N PHE C 26 -2.23 -16.15 -18.43
CA PHE C 26 -3.32 -15.46 -19.07
C PHE C 26 -2.72 -14.70 -20.24
N MET C 27 -1.58 -14.07 -20.01
CA MET C 27 -0.90 -13.34 -21.05
C MET C 27 -0.42 -14.29 -22.14
N LYS C 28 -0.19 -15.56 -21.76
CA LYS C 28 0.26 -16.57 -22.70
C LYS C 28 -0.92 -17.07 -23.54
N ASP C 29 -2.11 -17.15 -22.94
CA ASP C 29 -3.28 -17.60 -23.70
C ASP C 29 -3.73 -16.48 -24.61
N VAL C 30 -3.46 -15.24 -24.21
CA VAL C 30 -3.85 -14.08 -25.00
C VAL C 30 -3.01 -14.00 -26.26
N MET C 31 -1.73 -14.32 -26.16
CA MET C 31 -0.87 -14.26 -27.33
C MET C 31 -1.04 -15.44 -28.27
N LYS C 32 -1.40 -16.60 -27.73
CA LYS C 32 -1.58 -17.76 -28.60
C LYS C 32 -2.79 -17.55 -29.48
N LYS C 33 -3.88 -17.08 -28.87
CA LYS C 33 -5.10 -16.84 -29.61
C LYS C 33 -4.92 -15.73 -30.63
N LEU C 34 -4.18 -14.70 -30.26
CA LEU C 34 -3.93 -13.58 -31.15
C LEU C 34 -2.65 -13.65 -31.96
N SER C 35 -2.11 -14.83 -32.19
CA SER C 35 -0.88 -14.92 -32.97
C SER C 35 -1.37 -15.18 -34.37
N ASN C 36 -0.49 -15.36 -35.36
CA ASN C 36 -1.04 -15.62 -36.68
C ASN C 36 -1.90 -14.38 -37.02
N THR C 37 -1.37 -13.21 -36.74
CA THR C 37 -2.10 -12.00 -37.04
C THR C 37 -1.20 -10.79 -37.04
N SER C 38 -1.83 -9.63 -37.26
CA SER C 38 -1.18 -8.33 -37.33
C SER C 38 -0.58 -7.91 -35.99
N TYR C 39 -1.23 -8.34 -34.91
CA TYR C 39 -0.81 -8.06 -33.53
C TYR C 39 0.68 -8.35 -33.25
N GLN C 40 1.29 -7.57 -32.35
CA GLN C 40 2.67 -7.85 -31.97
C GLN C 40 2.93 -7.23 -30.58
N PHE C 41 2.98 -8.12 -29.58
CA PHE C 41 3.15 -7.78 -28.18
C PHE C 41 4.51 -7.48 -27.57
N ALA C 42 4.42 -6.96 -26.34
CA ALA C 42 5.53 -6.58 -25.47
C ALA C 42 4.99 -6.79 -24.04
N ALA C 43 5.87 -6.88 -23.04
CA ALA C 43 5.43 -7.06 -21.66
C ALA C 43 6.32 -6.30 -20.72
N VAL C 44 5.72 -5.67 -19.73
CA VAL C 44 6.45 -4.89 -18.75
C VAL C 44 5.92 -5.17 -17.36
N GLN C 45 6.80 -5.52 -16.45
CA GLN C 45 6.38 -5.80 -15.09
C GLN C 45 6.70 -4.61 -14.18
N PHE C 46 5.70 -4.21 -13.38
CA PHE C 46 5.83 -3.09 -12.48
C PHE C 46 5.47 -3.44 -11.02
N SER C 47 6.18 -2.78 -10.12
CA SER C 47 5.98 -2.93 -8.69
C SER C 47 6.60 -1.66 -8.16
N THR C 48 7.89 -1.67 -7.85
CA THR C 48 8.50 -0.45 -7.36
C THR C 48 9.27 0.10 -8.53
N SER C 49 9.89 -0.80 -9.27
CA SER C 49 10.67 -0.42 -10.44
C SER C 49 9.88 -0.82 -11.67
N TYR C 50 10.46 -0.62 -12.85
CA TYR C 50 9.76 -1.01 -14.06
C TYR C 50 10.70 -1.72 -15.03
N LYS C 51 10.41 -2.99 -15.28
CA LYS C 51 11.21 -3.82 -16.18
C LYS C 51 10.43 -4.35 -17.40
N THR C 52 11.01 -4.20 -18.59
CA THR C 52 10.34 -4.72 -19.77
C THR C 52 10.81 -6.15 -19.92
N GLU C 53 9.90 -7.09 -19.68
CA GLU C 53 10.20 -8.51 -19.76
C GLU C 53 10.49 -9.03 -21.15
N PHE C 54 10.12 -8.26 -22.18
CA PHE C 54 10.37 -8.59 -23.58
C PHE C 54 9.67 -7.53 -24.42
N ASP C 55 10.41 -6.99 -25.37
CA ASP C 55 9.87 -5.92 -26.21
C ASP C 55 9.36 -6.39 -27.56
N PHE C 56 8.82 -5.45 -28.32
CA PHE C 56 8.23 -5.75 -29.60
C PHE C 56 9.09 -6.52 -30.61
N SER C 57 10.37 -6.18 -30.72
CA SER C 57 11.22 -6.88 -31.67
C SER C 57 11.59 -8.26 -31.15
N ASP C 58 11.50 -8.45 -29.84
CA ASP C 58 11.81 -9.75 -29.30
C ASP C 58 10.65 -10.65 -29.71
N TYR C 59 9.42 -10.14 -29.69
CA TYR C 59 8.27 -10.95 -30.08
C TYR C 59 8.36 -11.41 -31.51
N VAL C 60 8.44 -10.44 -32.43
CA VAL C 60 8.53 -10.75 -33.85
C VAL C 60 9.62 -11.79 -34.08
N LYS C 61 10.68 -11.70 -33.29
CA LYS C 61 11.80 -12.61 -33.40
C LYS C 61 11.59 -14.00 -32.80
N ARG C 62 10.99 -14.07 -31.62
CA ARG C 62 10.76 -15.34 -30.97
C ARG C 62 9.37 -15.86 -31.28
N LYS C 63 8.35 -15.07 -30.97
CA LYS C 63 6.98 -15.47 -31.24
C LYS C 63 6.35 -16.46 -30.26
N ASP C 64 7.16 -17.28 -29.58
CA ASP C 64 6.60 -18.25 -28.66
C ASP C 64 6.34 -17.65 -27.30
N PRO C 65 5.06 -17.47 -26.94
CA PRO C 65 4.68 -16.89 -25.65
C PRO C 65 5.50 -17.43 -24.50
N ASP C 66 5.52 -18.75 -24.39
CA ASP C 66 6.25 -19.45 -23.35
C ASP C 66 7.71 -19.04 -23.26
N ALA C 67 8.47 -19.35 -24.31
CA ALA C 67 9.90 -19.03 -24.35
C ALA C 67 10.24 -17.57 -24.08
N LEU C 68 9.29 -16.66 -24.25
CA LEU C 68 9.54 -15.24 -24.02
C LEU C 68 9.44 -14.85 -22.54
N LEU C 69 8.49 -15.47 -21.84
CA LEU C 69 8.28 -15.20 -20.43
C LEU C 69 8.99 -16.21 -19.50
N LYS C 70 10.07 -16.85 -19.96
CA LYS C 70 10.77 -17.85 -19.11
C LYS C 70 11.73 -17.24 -18.08
N HIS C 71 12.36 -16.13 -18.41
CA HIS C 71 13.32 -15.57 -17.47
C HIS C 71 12.67 -14.48 -16.59
N VAL C 72 11.36 -14.58 -16.43
CA VAL C 72 10.61 -13.62 -15.64
C VAL C 72 10.75 -13.91 -14.17
N LYS C 73 10.98 -12.85 -13.39
CA LYS C 73 11.14 -13.01 -11.96
C LYS C 73 10.24 -12.09 -11.15
N HIS C 74 9.55 -12.66 -10.16
CA HIS C 74 8.61 -11.92 -9.31
C HIS C 74 9.35 -10.90 -8.47
N MET C 75 8.92 -9.64 -8.56
CA MET C 75 9.54 -8.53 -7.82
C MET C 75 9.16 -8.41 -6.33
N LEU C 76 7.98 -8.88 -5.95
CA LEU C 76 7.54 -8.83 -4.56
C LEU C 76 7.67 -7.47 -3.90
N LEU C 77 7.24 -6.42 -4.57
CA LEU C 77 7.35 -5.12 -3.95
C LEU C 77 6.09 -4.29 -3.94
N LEU C 78 6.23 -3.02 -4.31
CA LEU C 78 5.10 -2.10 -4.30
C LEU C 78 4.29 -2.19 -5.57
N THR C 79 3.36 -1.26 -5.77
CA THR C 79 2.50 -1.32 -6.93
C THR C 79 2.37 0.09 -7.58
N ASN C 80 3.52 0.73 -7.85
CA ASN C 80 3.64 2.07 -8.45
C ASN C 80 3.03 2.14 -9.84
N THR C 81 1.72 1.92 -9.90
CA THR C 81 0.95 1.89 -11.15
C THR C 81 1.04 3.10 -12.07
N PHE C 82 1.12 4.29 -11.49
CA PHE C 82 1.22 5.50 -12.29
C PHE C 82 2.56 5.53 -13.03
N GLY C 83 3.64 5.31 -12.29
CA GLY C 83 4.97 5.31 -12.89
C GLY C 83 5.11 4.21 -13.92
N ALA C 84 4.23 3.23 -13.82
CA ALA C 84 4.27 2.12 -14.76
C ALA C 84 3.69 2.60 -16.08
N ILE C 85 2.44 3.04 -16.04
CA ILE C 85 1.76 3.53 -17.24
C ILE C 85 2.59 4.58 -17.99
N ASN C 86 3.34 5.39 -17.27
CA ASN C 86 4.19 6.40 -17.92
C ASN C 86 5.43 5.72 -18.52
N TYR C 87 6.00 4.75 -17.79
CA TYR C 87 7.17 4.06 -18.30
C TYR C 87 6.84 3.38 -19.63
N VAL C 88 5.67 2.75 -19.67
CA VAL C 88 5.23 2.06 -20.88
C VAL C 88 5.04 3.05 -22.01
N ALA C 89 4.56 4.24 -21.68
CA ALA C 89 4.27 5.24 -22.69
C ALA C 89 5.45 6.03 -23.24
N THR C 90 6.60 5.98 -22.59
CA THR C 90 7.71 6.76 -23.13
C THR C 90 8.97 5.96 -23.23
N GLU C 91 8.90 4.73 -22.74
CA GLU C 91 10.06 3.87 -22.79
C GLU C 91 9.86 2.56 -23.56
N VAL C 92 8.61 2.09 -23.63
CA VAL C 92 8.27 0.83 -24.32
C VAL C 92 7.75 1.02 -25.73
N PHE C 93 6.76 1.89 -25.93
CA PHE C 93 6.24 2.12 -27.28
C PHE C 93 7.25 2.97 -28.04
N ARG C 94 8.37 2.38 -28.42
CA ARG C 94 9.41 3.09 -29.18
C ARG C 94 9.79 2.25 -30.41
N GLU C 95 10.26 2.90 -31.48
CA GLU C 95 10.62 2.17 -32.69
C GLU C 95 12.02 1.55 -32.67
N GLU C 96 12.81 1.90 -31.64
CA GLU C 96 14.14 1.33 -31.49
C GLU C 96 13.90 -0.08 -30.95
N LEU C 97 12.86 -0.20 -30.11
CA LEU C 97 12.47 -1.49 -29.53
C LEU C 97 11.62 -2.26 -30.55
N GLY C 98 11.15 -1.58 -31.57
CA GLY C 98 10.36 -2.26 -32.57
C GLY C 98 8.87 -2.04 -32.51
N ALA C 99 8.44 -0.79 -32.32
CA ALA C 99 7.02 -0.49 -32.31
C ALA C 99 6.72 0.02 -33.73
N ARG C 100 5.53 -0.26 -34.25
CA ARG C 100 5.15 0.20 -35.59
C ARG C 100 4.35 1.49 -35.46
N PRO C 101 4.84 2.58 -36.09
CA PRO C 101 4.19 3.89 -36.04
C PRO C 101 2.77 3.89 -36.58
N ASP C 102 2.50 2.97 -37.48
CA ASP C 102 1.18 2.93 -38.07
C ASP C 102 0.20 2.11 -37.23
N ALA C 103 0.65 1.54 -36.12
CA ALA C 103 -0.26 0.72 -35.32
C ALA C 103 -0.97 1.49 -34.21
N THR C 104 -2.11 0.97 -33.79
CA THR C 104 -2.86 1.63 -32.74
C THR C 104 -2.37 1.08 -31.40
N LYS C 105 -1.78 1.94 -30.58
CA LYS C 105 -1.25 1.55 -29.27
C LYS C 105 -2.23 1.12 -28.17
N VAL C 106 -2.16 -0.15 -27.76
CA VAL C 106 -3.02 -0.68 -26.71
C VAL C 106 -2.21 -1.19 -25.52
N LEU C 107 -2.76 -1.03 -24.34
CA LEU C 107 -2.11 -1.43 -23.09
C LEU C 107 -3.13 -2.18 -22.27
N ILE C 108 -2.71 -3.29 -21.70
CA ILE C 108 -3.60 -4.05 -20.86
C ILE C 108 -2.91 -4.01 -19.54
N ILE C 109 -3.58 -3.51 -18.53
CA ILE C 109 -2.99 -3.47 -17.20
C ILE C 109 -3.61 -4.60 -16.37
N ILE C 110 -2.84 -5.22 -15.49
CA ILE C 110 -3.35 -6.30 -14.64
C ILE C 110 -2.82 -6.11 -13.22
N THR C 111 -3.61 -5.49 -12.34
CA THR C 111 -3.18 -5.25 -10.96
C THR C 111 -4.00 -6.06 -9.93
N ASP C 112 -3.54 -6.27 -8.70
CA ASP C 112 -4.40 -6.97 -7.73
C ASP C 112 -4.67 -6.05 -6.51
N GLY C 113 -4.14 -4.81 -6.54
CA GLY C 113 -4.31 -3.82 -5.46
C GLY C 113 -4.28 -2.36 -5.90
N GLU C 114 -4.73 -1.39 -5.06
CA GLU C 114 -4.76 0.08 -5.38
C GLU C 114 -3.33 0.57 -5.60
N ALA C 115 -3.12 1.46 -6.58
CA ALA C 115 -1.82 2.08 -6.90
C ALA C 115 -1.10 2.54 -5.64
N THR C 116 0.22 2.53 -5.69
CA THR C 116 1.02 2.91 -4.53
C THR C 116 1.62 4.30 -4.61
N ASP C 117 1.57 4.94 -5.78
CA ASP C 117 2.14 6.30 -5.96
C ASP C 117 1.20 7.36 -6.52
N SER C 118 1.76 8.51 -6.89
CA SER C 118 0.95 9.60 -7.43
C SER C 118 1.48 10.23 -8.72
N GLY C 119 0.63 11.01 -9.37
CA GLY C 119 1.01 11.66 -10.62
C GLY C 119 -0.13 11.65 -11.63
N ASN C 120 0.21 11.47 -12.90
CA ASN C 120 -0.80 11.41 -13.97
C ASN C 120 -0.34 10.67 -15.22
N ILE C 121 -1.31 10.13 -15.94
CA ILE C 121 -1.02 9.38 -17.15
C ILE C 121 -1.41 10.17 -18.38
N ASP C 122 -1.11 11.45 -18.38
CA ASP C 122 -1.46 12.26 -19.53
C ASP C 122 -0.60 11.94 -20.72
N ALA C 123 0.52 11.26 -20.51
CA ALA C 123 1.41 10.90 -21.61
C ALA C 123 0.82 9.75 -22.41
N ALA C 124 0.03 8.94 -21.74
CA ALA C 124 -0.60 7.79 -22.38
C ALA C 124 -2.06 8.16 -22.60
N LYS C 125 -2.26 9.30 -23.23
CA LYS C 125 -3.59 9.80 -23.51
C LYS C 125 -4.09 9.05 -24.74
N ASP C 126 -3.17 8.87 -25.69
CA ASP C 126 -3.45 8.21 -26.97
C ASP C 126 -3.15 6.71 -26.94
N ILE C 127 -3.29 6.10 -25.77
CA ILE C 127 -3.03 4.69 -25.64
C ILE C 127 -4.23 4.05 -24.99
N ILE C 128 -5.07 3.41 -25.77
CA ILE C 128 -6.25 2.77 -25.23
C ILE C 128 -5.87 1.86 -24.08
N ARG C 129 -6.33 2.15 -22.86
CA ARG C 129 -5.96 1.33 -21.72
C ARG C 129 -7.02 0.41 -21.12
N TYR C 130 -6.70 -0.86 -20.96
CA TYR C 130 -7.65 -1.80 -20.37
C TYR C 130 -7.15 -2.20 -19.02
N ILE C 131 -7.83 -1.81 -17.96
CA ILE C 131 -7.34 -2.24 -16.68
C ILE C 131 -8.20 -3.37 -16.10
N ILE C 132 -7.55 -4.28 -15.39
CA ILE C 132 -8.22 -5.44 -14.82
C ILE C 132 -7.89 -5.61 -13.35
N GLY C 133 -8.91 -5.46 -12.51
CA GLY C 133 -8.73 -5.55 -11.07
C GLY C 133 -8.98 -6.96 -10.54
N ILE C 134 -7.95 -7.57 -9.99
CA ILE C 134 -8.04 -8.94 -9.49
C ILE C 134 -8.05 -8.96 -7.96
N GLY C 135 -9.24 -8.95 -7.38
CA GLY C 135 -9.63 -9.93 -6.39
C GLY C 135 -9.23 -9.52 -4.98
N LYS C 136 -10.22 -9.48 -4.09
CA LYS C 136 -9.95 -9.58 -2.65
C LYS C 136 -9.44 -8.26 -2.10
N HIS C 137 -8.82 -7.46 -2.97
CA HIS C 137 -8.55 -6.06 -2.66
C HIS C 137 -9.43 -5.14 -3.49
N PHE C 138 -10.02 -5.68 -4.54
CA PHE C 138 -10.98 -4.95 -5.36
C PHE C 138 -12.41 -5.45 -5.11
N GLN C 139 -12.89 -5.28 -3.89
CA GLN C 139 -14.12 -5.92 -3.45
C GLN C 139 -15.19 -4.90 -3.11
N THR C 140 -14.90 -4.05 -2.13
CA THR C 140 -15.61 -2.79 -1.97
C THR C 140 -15.63 -2.00 -3.28
N LYS C 141 -16.39 -0.91 -3.29
CA LYS C 141 -16.55 -0.11 -4.49
C LYS C 141 -15.53 1.02 -4.55
N GLU C 142 -15.13 1.52 -3.38
CA GLU C 142 -14.18 2.63 -3.29
C GLU C 142 -12.88 2.32 -3.97
N SER C 143 -12.53 1.05 -4.01
CA SER C 143 -11.28 0.61 -4.61
C SER C 143 -11.44 0.41 -6.11
N GLN C 144 -12.52 -0.27 -6.49
CA GLN C 144 -12.83 -0.54 -7.88
C GLN C 144 -12.86 0.77 -8.65
N GLU C 145 -13.42 1.80 -8.03
CA GLU C 145 -13.52 3.09 -8.69
C GLU C 145 -12.17 3.77 -8.88
N THR C 146 -11.16 3.39 -8.10
CA THR C 146 -9.84 4.01 -8.24
C THR C 146 -9.12 3.62 -9.51
N LEU C 147 -9.55 2.51 -10.11
CA LEU C 147 -8.97 1.99 -11.35
C LEU C 147 -9.54 2.71 -12.56
N HIS C 148 -10.67 3.39 -12.37
CA HIS C 148 -11.32 4.13 -13.44
C HIS C 148 -10.33 5.12 -14.05
N LYS C 149 -9.57 5.83 -13.22
CA LYS C 149 -8.65 6.80 -13.74
C LYS C 149 -7.59 6.30 -14.69
N PHE C 150 -7.13 5.08 -14.47
CA PHE C 150 -6.10 4.52 -15.33
C PHE C 150 -6.65 4.10 -16.68
N ALA C 151 -7.92 3.74 -16.71
CA ALA C 151 -8.52 3.28 -17.94
C ALA C 151 -9.16 4.34 -18.83
N SER C 152 -9.51 3.90 -20.04
CA SER C 152 -10.14 4.75 -21.03
C SER C 152 -11.64 4.77 -20.80
N LYS C 153 -12.28 5.87 -21.19
CA LYS C 153 -13.73 6.01 -21.03
C LYS C 153 -14.48 5.54 -22.28
N PRO C 154 -15.69 5.00 -22.10
CA PRO C 154 -16.32 4.83 -20.80
C PRO C 154 -15.56 3.76 -20.06
N ALA C 155 -15.38 3.96 -18.77
CA ALA C 155 -14.69 3.00 -17.94
C ALA C 155 -15.54 1.72 -17.92
N SER C 156 -16.83 1.89 -18.18
CA SER C 156 -17.75 0.78 -18.21
C SER C 156 -17.25 -0.33 -19.15
N GLU C 157 -16.58 0.06 -20.23
CA GLU C 157 -16.07 -0.91 -21.21
C GLU C 157 -14.64 -1.35 -20.94
N PHE C 158 -13.79 -0.38 -20.57
CA PHE C 158 -12.38 -0.64 -20.34
C PHE C 158 -11.88 -1.16 -19.01
N VAL C 159 -12.72 -1.19 -17.99
CA VAL C 159 -12.27 -1.68 -16.69
C VAL C 159 -12.95 -2.98 -16.34
N LYS C 160 -12.16 -4.00 -15.92
CA LYS C 160 -12.73 -5.31 -15.61
C LYS C 160 -12.20 -5.84 -14.29
N ILE C 161 -13.06 -5.94 -13.27
CA ILE C 161 -12.58 -6.50 -12.01
C ILE C 161 -13.05 -7.95 -11.85
N LEU C 162 -12.14 -8.82 -11.42
CA LEU C 162 -12.42 -10.25 -11.24
C LEU C 162 -12.45 -10.68 -9.78
N ASP C 163 -13.30 -11.67 -9.49
CA ASP C 163 -13.46 -12.20 -8.14
C ASP C 163 -12.26 -13.00 -7.69
N THR C 164 -11.79 -13.91 -8.54
CA THR C 164 -10.62 -14.71 -8.22
C THR C 164 -9.69 -14.80 -9.41
N PHE C 165 -8.44 -15.20 -9.17
CA PHE C 165 -7.48 -15.34 -10.25
C PHE C 165 -7.90 -16.50 -11.14
N GLU C 166 -8.73 -17.37 -10.59
CA GLU C 166 -9.20 -18.50 -11.34
C GLU C 166 -10.25 -18.00 -12.31
N LYS C 167 -10.57 -16.72 -12.21
CA LYS C 167 -11.57 -16.14 -13.09
C LYS C 167 -10.94 -15.52 -14.32
N LEU C 168 -9.62 -15.67 -14.45
CA LEU C 168 -8.89 -15.14 -15.60
C LEU C 168 -9.07 -16.08 -16.78
N LYS C 169 -9.24 -17.37 -16.51
CA LYS C 169 -9.46 -18.34 -17.56
C LYS C 169 -10.79 -17.95 -18.19
N ASP C 170 -11.70 -17.50 -17.33
CA ASP C 170 -13.04 -17.08 -17.71
C ASP C 170 -12.99 -15.87 -18.66
N LEU C 171 -12.21 -14.86 -18.28
CA LEU C 171 -12.10 -13.66 -19.09
C LEU C 171 -11.49 -14.00 -20.44
N PHE C 172 -10.67 -15.04 -20.45
CA PHE C 172 -10.06 -15.46 -21.69
C PHE C 172 -11.24 -15.87 -22.58
N THR C 173 -12.04 -16.83 -22.10
CA THR C 173 -13.20 -17.36 -22.82
C THR C 173 -14.31 -16.33 -23.12
N GLU C 174 -14.13 -15.10 -22.63
CA GLU C 174 -15.09 -14.04 -22.90
C GLU C 174 -14.53 -13.23 -24.05
N LEU C 175 -13.25 -13.44 -24.35
CA LEU C 175 -12.64 -12.72 -25.43
C LEU C 175 -12.52 -13.65 -26.62
N GLN C 176 -13.04 -14.86 -26.45
CA GLN C 176 -13.06 -15.86 -27.51
C GLN C 176 -14.50 -15.84 -28.04
N LYS C 177 -15.36 -15.08 -27.33
CA LYS C 177 -16.76 -14.90 -27.66
C LYS C 177 -17.04 -13.44 -27.98
N LYS C 178 -16.04 -12.71 -28.48
CA LYS C 178 -16.22 -11.30 -28.81
C LYS C 178 -15.88 -10.91 -30.24
N ILE C 179 -16.02 -9.62 -30.52
CA ILE C 179 -15.72 -9.07 -31.85
C ILE C 179 -14.69 -7.93 -31.80
N ASP D 1 14.27 36.57 0.57
CA ASP D 1 13.74 37.06 -0.73
C ASP D 1 13.34 35.91 -1.63
N ILE D 2 12.07 35.79 -1.98
CA ILE D 2 11.55 34.79 -2.95
C ILE D 2 10.48 35.61 -3.52
N GLN D 3 10.46 35.79 -4.84
CA GLN D 3 9.50 36.65 -5.47
C GLN D 3 8.54 35.92 -6.38
N MET D 4 7.25 36.19 -6.19
CA MET D 4 6.23 35.55 -6.99
C MET D 4 5.76 36.48 -8.11
N THR D 5 5.98 36.05 -9.32
CA THR D 5 5.58 36.85 -10.45
C THR D 5 4.38 36.26 -11.14
N GLN D 6 3.23 36.88 -10.96
CA GLN D 6 2.04 36.36 -11.59
C GLN D 6 1.87 36.90 -13.00
N SER D 7 1.18 36.17 -13.87
CA SER D 7 0.98 36.63 -15.24
C SER D 7 -0.38 36.14 -15.71
N PRO D 8 -1.24 37.04 -16.17
CA PRO D 8 -1.00 38.47 -16.30
C PRO D 8 -1.70 39.19 -15.17
N SER D 9 -1.43 40.49 -15.10
CA SER D 9 -1.97 41.43 -14.11
C SER D 9 -3.46 41.37 -14.01
N SER D 10 -4.08 41.22 -15.17
CA SER D 10 -5.51 41.22 -15.26
C SER D 10 -5.95 40.58 -16.57
N LEU D 11 -7.15 40.03 -16.60
CA LEU D 11 -7.64 39.43 -17.83
C LEU D 11 -9.14 39.40 -17.80
N SER D 12 -9.75 39.59 -18.98
CA SER D 12 -11.19 39.57 -19.12
C SER D 12 -11.53 38.37 -19.95
N ALA D 13 -12.39 37.52 -19.42
CA ALA D 13 -12.81 36.34 -20.17
C ALA D 13 -14.32 36.25 -20.13
N SER D 14 -14.89 35.61 -21.15
CA SER D 14 -16.34 35.47 -21.21
C SER D 14 -16.76 34.24 -20.42
N VAL D 15 -18.02 34.21 -19.99
CA VAL D 15 -18.48 33.07 -19.22
C VAL D 15 -18.44 31.82 -20.07
N GLY D 16 -17.78 30.79 -19.56
CA GLY D 16 -17.67 29.53 -20.26
C GLY D 16 -16.30 29.28 -20.88
N ASP D 17 -15.44 30.30 -20.84
CA ASP D 17 -14.08 30.26 -21.40
C ASP D 17 -13.08 29.67 -20.41
N ARG D 18 -11.94 29.22 -20.90
CA ARG D 18 -10.95 28.65 -20.00
C ARG D 18 -9.88 29.69 -19.67
N VAL D 19 -9.75 29.98 -18.38
CA VAL D 19 -8.77 30.98 -17.95
C VAL D 19 -7.57 30.28 -17.36
N THR D 20 -6.39 30.81 -17.66
CA THR D 20 -5.14 30.27 -17.17
C THR D 20 -4.18 31.38 -16.70
N ILE D 21 -3.90 31.39 -15.40
CA ILE D 21 -3.03 32.37 -14.74
C ILE D 21 -1.77 31.66 -14.33
N THR D 22 -0.60 32.25 -14.52
CA THR D 22 0.58 31.55 -14.08
C THR D 22 1.33 32.34 -13.04
N CYS D 23 1.95 31.65 -12.09
CA CYS D 23 2.71 32.32 -11.04
C CYS D 23 4.03 31.67 -11.10
N ARG D 24 5.10 32.42 -11.27
CA ARG D 24 6.41 31.81 -11.30
C ARG D 24 7.27 32.29 -10.12
N ALA D 25 8.01 31.37 -9.53
CA ALA D 25 8.86 31.67 -8.39
C ALA D 25 10.26 32.08 -8.74
N SER D 26 10.92 32.78 -7.82
CA SER D 26 12.30 33.22 -8.01
C SER D 26 13.19 32.02 -8.23
N LYS D 27 13.22 31.13 -7.26
CA LYS D 27 14.02 29.92 -7.37
C LYS D 27 13.05 28.82 -6.98
N THR D 28 13.35 27.60 -7.42
CA THR D 28 12.51 26.46 -7.16
C THR D 28 11.95 26.40 -5.75
N ILE D 29 10.63 26.20 -5.68
CA ILE D 29 9.88 26.09 -4.42
C ILE D 29 9.16 24.76 -4.40
N SER D 30 9.68 23.78 -5.11
CA SER D 30 9.07 22.47 -5.14
C SER D 30 7.75 22.47 -5.85
N LYS D 31 6.84 21.72 -5.25
CA LYS D 31 5.51 21.56 -5.75
C LYS D 31 4.63 22.42 -4.87
N TYR D 32 5.20 22.90 -3.78
CA TYR D 32 4.46 23.72 -2.83
C TYR D 32 4.02 25.15 -3.20
N LEU D 33 2.85 25.27 -3.79
CA LEU D 33 2.30 26.58 -4.14
C LEU D 33 0.81 26.50 -3.86
N ALA D 34 0.21 27.56 -3.34
CA ALA D 34 -1.20 27.52 -3.05
C ALA D 34 -1.79 28.71 -3.74
N TRP D 35 -3.10 28.67 -3.98
CA TRP D 35 -3.78 29.77 -4.66
C TRP D 35 -4.98 30.33 -3.92
N TYR D 36 -5.06 31.66 -3.85
CA TYR D 36 -6.17 32.34 -3.18
C TYR D 36 -7.10 33.18 -4.09
N GLN D 37 -8.39 33.14 -3.79
CA GLN D 37 -9.38 33.88 -4.56
C GLN D 37 -9.95 34.98 -3.72
N GLN D 38 -9.50 36.22 -3.89
CA GLN D 38 -10.05 37.28 -3.07
C GLN D 38 -11.08 38.10 -3.84
N LYS D 39 -12.33 38.07 -3.37
CA LYS D 39 -13.42 38.83 -3.99
C LYS D 39 -13.32 40.23 -3.43
N PRO D 40 -14.22 41.11 -3.84
CA PRO D 40 -14.11 42.47 -3.29
C PRO D 40 -14.47 42.57 -1.82
N GLY D 41 -13.66 43.30 -1.07
CA GLY D 41 -13.90 43.53 0.34
C GLY D 41 -13.96 42.31 1.25
N LYS D 42 -14.12 41.14 0.66
CA LYS D 42 -14.18 39.91 1.43
C LYS D 42 -12.78 39.33 1.60
N ALA D 43 -12.66 38.30 2.42
CA ALA D 43 -11.36 37.70 2.69
C ALA D 43 -10.93 36.64 1.68
N PRO D 44 -9.64 36.64 1.30
CA PRO D 44 -9.11 35.67 0.34
C PRO D 44 -9.59 34.27 0.72
N LYS D 45 -9.67 33.37 -0.26
CA LYS D 45 -10.13 31.99 -0.01
C LYS D 45 -9.13 30.97 -0.51
N LEU D 46 -9.12 29.78 0.08
CA LEU D 46 -8.20 28.72 -0.31
C LEU D 46 -8.84 27.85 -1.37
N LEU D 47 -8.12 27.70 -2.48
CA LEU D 47 -8.56 26.90 -3.61
C LEU D 47 -7.63 25.71 -3.81
N ILE D 48 -6.37 26.00 -4.02
CA ILE D 48 -5.37 24.97 -4.26
C ILE D 48 -4.22 25.08 -3.27
N TYR D 49 -3.63 23.95 -2.93
CA TYR D 49 -2.48 23.97 -2.06
C TYR D 49 -1.61 22.85 -2.54
N SER D 50 -0.32 22.93 -2.23
CA SER D 50 0.66 21.93 -2.66
C SER D 50 0.67 21.71 -4.18
N GLY D 51 0.52 22.80 -4.91
CA GLY D 51 0.56 22.75 -6.35
C GLY D 51 -0.71 22.43 -7.10
N SER D 52 -1.31 21.29 -6.81
CA SER D 52 -2.52 20.93 -7.52
C SER D 52 -3.56 20.22 -6.69
N THR D 53 -3.70 20.60 -5.43
CA THR D 53 -4.70 19.95 -4.59
C THR D 53 -5.87 20.90 -4.30
N LEU D 54 -7.09 20.45 -4.55
CA LEU D 54 -8.30 21.26 -4.31
C LEU D 54 -8.74 21.13 -2.87
N GLN D 55 -8.88 22.27 -2.21
CA GLN D 55 -9.32 22.33 -0.83
C GLN D 55 -10.78 21.90 -0.81
N SER D 56 -11.15 21.03 0.12
CA SER D 56 -12.52 20.56 0.15
C SER D 56 -13.51 21.70 0.01
N GLY D 57 -14.48 21.52 -0.88
CA GLY D 57 -15.49 22.53 -1.09
C GLY D 57 -15.32 23.32 -2.35
N VAL D 58 -14.08 23.35 -2.83
CA VAL D 58 -13.75 24.08 -4.04
C VAL D 58 -14.24 23.38 -5.30
N PRO D 59 -14.99 24.09 -6.15
CA PRO D 59 -15.53 23.57 -7.40
C PRO D 59 -14.43 22.91 -8.23
N SER D 60 -14.70 21.74 -8.75
CA SER D 60 -13.70 21.05 -9.55
C SER D 60 -13.32 21.79 -10.84
N ARG D 61 -14.07 22.83 -11.18
CA ARG D 61 -13.72 23.56 -12.39
C ARG D 61 -12.36 24.22 -12.19
N PHE D 62 -11.91 24.27 -10.93
CA PHE D 62 -10.62 24.84 -10.55
C PHE D 62 -9.56 23.75 -10.53
N SER D 63 -8.43 23.98 -11.19
CA SER D 63 -7.38 22.98 -11.21
C SER D 63 -6.01 23.62 -11.22
N GLY D 64 -5.11 23.11 -10.39
CA GLY D 64 -3.77 23.66 -10.34
C GLY D 64 -2.81 22.72 -11.04
N SER D 65 -1.57 23.16 -11.25
CA SER D 65 -0.56 22.33 -11.92
C SER D 65 0.80 23.01 -11.91
N GLY D 66 1.84 22.26 -12.27
CA GLY D 66 3.17 22.84 -12.32
C GLY D 66 4.06 22.47 -11.16
N SER D 67 5.37 22.55 -11.34
CA SER D 67 6.31 22.19 -10.28
C SER D 67 7.53 23.08 -10.43
N GLY D 68 8.36 23.13 -9.41
CA GLY D 68 9.58 23.92 -9.49
C GLY D 68 9.35 25.42 -9.45
N THR D 69 9.69 26.11 -10.54
CA THR D 69 9.50 27.55 -10.58
C THR D 69 8.26 28.01 -11.33
N ASP D 70 7.74 27.17 -12.22
CA ASP D 70 6.57 27.56 -12.96
C ASP D 70 5.33 26.80 -12.52
N PHE D 71 4.23 27.53 -12.28
CA PHE D 71 2.97 26.93 -11.87
C PHE D 71 1.82 27.59 -12.63
N THR D 72 0.64 26.96 -12.64
CA THR D 72 -0.48 27.50 -13.35
C THR D 72 -1.81 27.10 -12.75
N LEU D 73 -2.71 28.08 -12.63
CA LEU D 73 -4.05 27.87 -12.10
C LEU D 73 -5.01 27.99 -13.28
N THR D 74 -5.74 26.93 -13.59
CA THR D 74 -6.65 26.98 -14.72
C THR D 74 -8.10 26.83 -14.27
N ILE D 75 -8.94 27.79 -14.63
CA ILE D 75 -10.35 27.70 -14.25
C ILE D 75 -11.04 27.26 -15.52
N SER D 76 -11.42 26.00 -15.62
CA SER D 76 -12.09 25.58 -16.85
C SER D 76 -13.59 25.83 -16.77
N SER D 77 -14.05 26.79 -17.57
CA SER D 77 -15.47 27.17 -17.64
C SER D 77 -15.85 28.24 -16.62
N LEU D 78 -15.25 29.41 -16.82
CA LEU D 78 -15.43 30.61 -16.01
C LEU D 78 -16.88 30.94 -15.76
N GLN D 79 -17.27 31.00 -14.49
CA GLN D 79 -18.63 31.33 -14.15
C GLN D 79 -18.72 32.80 -13.74
N PRO D 80 -19.93 33.33 -13.63
CA PRO D 80 -20.05 34.74 -13.26
C PRO D 80 -19.56 35.01 -11.84
N GLU D 81 -19.63 33.98 -10.99
CA GLU D 81 -19.21 34.09 -9.59
C GLU D 81 -17.71 33.95 -9.36
N ASP D 82 -16.92 33.79 -10.42
CA ASP D 82 -15.48 33.68 -10.23
C ASP D 82 -14.79 34.98 -10.55
N PHE D 83 -15.51 36.09 -10.38
CA PHE D 83 -14.98 37.41 -10.62
C PHE D 83 -14.26 37.83 -9.36
N ALA D 84 -12.93 37.79 -9.37
CA ALA D 84 -12.19 38.15 -8.17
C ALA D 84 -10.71 38.13 -8.45
N THR D 85 -9.91 38.65 -7.53
CA THR D 85 -8.48 38.66 -7.71
C THR D 85 -7.89 37.35 -7.23
N TYR D 86 -6.98 36.74 -7.99
CA TYR D 86 -6.42 35.47 -7.56
C TYR D 86 -4.97 35.58 -7.15
N TYR D 87 -4.67 35.38 -5.87
CA TYR D 87 -3.30 35.47 -5.43
C TYR D 87 -2.70 34.10 -5.30
N CYS D 88 -1.39 34.03 -5.38
CA CYS D 88 -0.70 32.78 -5.26
C CYS D 88 0.38 32.95 -4.19
N GLN D 89 0.69 31.90 -3.45
CA GLN D 89 1.67 31.98 -2.39
C GLN D 89 2.50 30.71 -2.29
N GLN D 90 3.80 30.84 -2.09
CA GLN D 90 4.62 29.65 -1.97
C GLN D 90 4.81 29.25 -0.51
N HIS D 91 4.42 28.03 -0.17
CA HIS D 91 4.57 27.54 1.19
C HIS D 91 5.71 26.50 1.26
N ASN D 92 6.90 26.88 0.79
CA ASN D 92 8.06 25.99 0.76
C ASN D 92 9.17 26.35 1.73
N GLU D 93 9.35 27.65 1.96
CA GLU D 93 10.35 28.14 2.89
C GLU D 93 9.88 29.50 3.34
N TYR D 94 10.45 29.99 4.44
CA TYR D 94 10.07 31.29 4.97
C TYR D 94 10.99 32.40 4.46
N PRO D 95 10.49 33.64 4.47
CA PRO D 95 9.15 33.99 4.91
C PRO D 95 8.22 33.88 3.74
N LEU D 96 6.96 33.55 4.04
CA LEU D 96 5.91 33.40 3.04
C LEU D 96 5.76 34.65 2.20
N THR D 97 5.77 34.47 0.89
CA THR D 97 5.66 35.63 0.05
C THR D 97 4.52 35.34 -0.88
N PHE D 98 3.80 36.37 -1.29
CA PHE D 98 2.70 36.14 -2.21
C PHE D 98 2.98 36.74 -3.56
N GLY D 99 2.03 36.56 -4.46
CA GLY D 99 2.16 37.10 -5.81
C GLY D 99 1.43 38.42 -5.79
N GLN D 100 1.48 39.18 -6.88
CA GLN D 100 0.79 40.45 -6.88
C GLN D 100 -0.69 40.26 -7.24
N GLY D 101 -1.02 39.06 -7.70
CA GLY D 101 -2.38 38.73 -8.04
C GLY D 101 -2.79 39.13 -9.43
N THR D 102 -3.90 38.58 -9.90
CA THR D 102 -4.42 38.88 -11.22
C THR D 102 -5.93 39.00 -11.10
N LYS D 103 -6.48 40.15 -11.46
CA LYS D 103 -7.93 40.36 -11.37
C LYS D 103 -8.55 39.66 -12.56
N VAL D 104 -9.57 38.85 -12.33
CA VAL D 104 -10.21 38.15 -13.42
C VAL D 104 -11.56 38.79 -13.73
N GLU D 105 -11.59 39.72 -14.67
CA GLU D 105 -12.83 40.42 -15.05
C GLU D 105 -13.59 39.68 -16.15
N ILE D 106 -14.92 39.67 -16.03
CA ILE D 106 -15.76 38.98 -16.99
C ILE D 106 -16.31 39.92 -18.03
N LYS D 107 -16.66 39.37 -19.19
CA LYS D 107 -17.23 40.11 -20.32
C LYS D 107 -18.67 39.65 -20.53
N ARG D 108 -19.60 40.56 -20.82
CA ARG D 108 -20.96 40.13 -21.08
C ARG D 108 -21.75 41.01 -22.05
N THR D 109 -23.00 40.63 -22.32
CA THR D 109 -23.86 41.38 -23.23
C THR D 109 -24.10 42.81 -22.71
N VAL D 110 -24.08 43.78 -23.62
CA VAL D 110 -24.32 45.16 -23.24
C VAL D 110 -25.72 45.31 -22.62
N ALA D 111 -25.79 45.97 -21.47
CA ALA D 111 -27.06 46.20 -20.80
C ALA D 111 -27.25 47.71 -20.77
N ALA D 112 -28.47 48.18 -20.87
CA ALA D 112 -28.68 49.62 -20.84
C ALA D 112 -28.74 50.11 -19.40
N PRO D 113 -28.11 51.27 -19.12
CA PRO D 113 -28.16 51.76 -17.74
C PRO D 113 -29.52 52.35 -17.36
N SER D 114 -29.86 52.24 -16.08
CA SER D 114 -31.11 52.78 -15.56
C SER D 114 -30.73 54.00 -14.70
N VAL D 115 -31.13 55.19 -15.12
CA VAL D 115 -30.77 56.39 -14.38
C VAL D 115 -31.81 56.95 -13.41
N PHE D 116 -31.32 57.44 -12.28
CA PHE D 116 -32.16 58.05 -11.23
C PHE D 116 -31.47 59.28 -10.66
N ILE D 117 -32.16 60.40 -10.59
CA ILE D 117 -31.54 61.59 -10.01
C ILE D 117 -32.04 61.82 -8.59
N PHE D 118 -31.14 62.35 -7.75
CA PHE D 118 -31.47 62.63 -6.36
C PHE D 118 -31.14 64.07 -5.92
N PRO D 119 -32.18 64.83 -5.49
CA PRO D 119 -32.00 66.21 -5.05
C PRO D 119 -31.41 66.33 -3.64
N PRO D 120 -30.52 67.30 -3.43
CA PRO D 120 -29.88 67.53 -2.13
C PRO D 120 -30.96 67.46 -1.06
N SER D 121 -30.62 66.89 0.09
CA SER D 121 -31.57 66.81 1.19
C SER D 121 -31.67 68.17 1.91
N ASP D 122 -32.82 68.46 2.52
CA ASP D 122 -33.04 69.73 3.24
C ASP D 122 -32.14 69.79 4.48
N GLU D 123 -31.81 68.62 4.99
CA GLU D 123 -30.96 68.51 6.17
C GLU D 123 -29.55 68.98 5.76
N GLN D 124 -29.09 68.50 4.60
CA GLN D 124 -27.76 68.82 4.09
C GLN D 124 -27.60 70.31 3.75
N LEU D 125 -28.66 70.91 3.22
CA LEU D 125 -28.61 72.32 2.86
C LEU D 125 -28.50 73.17 4.12
N LYS D 126 -28.69 72.56 5.30
CA LYS D 126 -28.59 73.31 6.55
C LYS D 126 -27.13 73.40 6.97
N SER D 127 -26.24 72.91 6.11
CA SER D 127 -24.81 72.93 6.38
C SER D 127 -24.12 73.89 5.41
N GLY D 128 -24.88 74.38 4.44
CA GLY D 128 -24.34 75.31 3.46
C GLY D 128 -23.81 74.61 2.21
N THR D 129 -23.90 73.28 2.19
CA THR D 129 -23.42 72.50 1.06
C THR D 129 -24.56 71.68 0.41
N ALA D 130 -24.65 71.74 -0.92
CA ALA D 130 -25.66 71.02 -1.70
C ALA D 130 -25.00 69.98 -2.62
N SER D 131 -25.41 68.72 -2.47
CA SER D 131 -24.84 67.63 -3.27
C SER D 131 -25.89 66.88 -4.09
N VAL D 132 -25.76 66.95 -5.40
CA VAL D 132 -26.68 66.28 -6.31
C VAL D 132 -26.16 64.92 -6.72
N VAL D 133 -26.88 63.87 -6.36
CA VAL D 133 -26.47 62.52 -6.72
C VAL D 133 -27.36 61.93 -7.81
N CYS D 134 -26.73 61.33 -8.82
CA CYS D 134 -27.41 60.71 -9.96
C CYS D 134 -26.94 59.23 -9.93
N LEU D 135 -27.78 58.28 -10.38
CA LEU D 135 -27.43 56.84 -10.35
C LEU D 135 -27.71 56.01 -11.61
N LEU D 136 -26.69 55.30 -12.10
CA LEU D 136 -26.83 54.42 -13.26
C LEU D 136 -26.79 53.02 -12.66
N ASN D 137 -27.86 52.26 -12.76
CA ASN D 137 -27.89 50.93 -12.18
C ASN D 137 -27.79 49.78 -13.18
N ASN D 138 -27.18 48.68 -12.75
CA ASN D 138 -27.02 47.48 -13.57
C ASN D 138 -26.78 47.71 -15.06
N PHE D 139 -25.60 48.18 -15.44
CA PHE D 139 -25.33 48.39 -16.85
C PHE D 139 -23.97 47.89 -17.28
N TYR D 140 -23.82 47.59 -18.57
CA TYR D 140 -22.57 47.09 -19.14
C TYR D 140 -22.45 47.55 -20.60
N PRO D 141 -21.22 47.88 -21.07
CA PRO D 141 -19.93 47.86 -20.39
C PRO D 141 -19.84 48.78 -19.17
N ARG D 142 -18.63 48.90 -18.63
CA ARG D 142 -18.36 49.73 -17.47
C ARG D 142 -18.22 51.20 -17.86
N GLU D 143 -17.79 51.41 -19.10
CA GLU D 143 -17.59 52.75 -19.64
C GLU D 143 -18.93 53.44 -19.88
N ALA D 144 -19.07 54.62 -19.28
CA ALA D 144 -20.28 55.43 -19.42
C ALA D 144 -19.93 56.88 -19.06
N LYS D 145 -20.49 57.84 -19.79
CA LYS D 145 -20.21 59.26 -19.57
C LYS D 145 -21.34 60.02 -18.88
N VAL D 146 -21.12 60.40 -17.61
CA VAL D 146 -22.14 61.14 -16.91
C VAL D 146 -21.83 62.62 -16.97
N GLN D 147 -22.70 63.36 -17.65
CA GLN D 147 -22.56 64.79 -17.83
C GLN D 147 -23.49 65.53 -16.87
N TRP D 148 -23.02 66.63 -16.31
CA TRP D 148 -23.82 67.45 -15.39
C TRP D 148 -24.01 68.82 -16.03
N LYS D 149 -25.23 69.35 -15.88
CA LYS D 149 -25.60 70.68 -16.40
C LYS D 149 -26.47 71.40 -15.40
N VAL D 150 -26.02 72.59 -15.00
CA VAL D 150 -26.75 73.41 -14.05
C VAL D 150 -27.29 74.59 -14.86
N ASP D 151 -28.49 74.42 -15.40
CA ASP D 151 -29.10 75.45 -16.24
C ASP D 151 -28.28 75.50 -17.53
N ASN D 152 -28.18 74.36 -18.20
CA ASN D 152 -27.44 74.23 -19.46
C ASN D 152 -26.00 74.68 -19.37
N ALA D 153 -25.41 74.52 -18.18
CA ALA D 153 -24.03 74.91 -17.96
C ALA D 153 -23.27 73.69 -17.50
N LEU D 154 -22.41 73.16 -18.37
CA LEU D 154 -21.62 71.97 -18.06
C LEU D 154 -20.87 72.08 -16.72
N GLN D 155 -20.79 70.98 -15.97
CA GLN D 155 -20.11 70.97 -14.66
C GLN D 155 -18.97 69.94 -14.59
N SER D 156 -17.77 70.39 -14.91
CA SER D 156 -16.60 69.51 -14.90
C SER D 156 -15.65 69.88 -13.75
N GLY D 157 -15.20 68.87 -13.01
CA GLY D 157 -14.29 69.11 -11.91
C GLY D 157 -14.94 69.17 -10.54
N ASN D 158 -16.23 69.47 -10.52
CA ASN D 158 -16.98 69.53 -9.26
C ASN D 158 -17.90 68.30 -9.15
N SER D 159 -17.45 67.19 -9.75
CA SER D 159 -18.19 65.93 -9.73
C SER D 159 -17.26 64.75 -9.50
N GLN D 160 -17.78 63.72 -8.82
CA GLN D 160 -16.99 62.53 -8.53
C GLN D 160 -17.85 61.29 -8.59
N GLU D 161 -17.44 60.35 -9.45
CA GLU D 161 -18.11 59.08 -9.68
C GLU D 161 -17.68 57.96 -8.72
N SER D 162 -18.42 56.86 -8.72
CA SER D 162 -18.14 55.71 -7.87
C SER D 162 -18.62 54.43 -8.53
N VAL D 163 -17.80 53.86 -9.40
CA VAL D 163 -18.17 52.62 -10.10
C VAL D 163 -18.08 51.44 -9.13
N THR D 164 -19.13 50.64 -9.08
CA THR D 164 -19.18 49.48 -8.20
C THR D 164 -18.50 48.31 -8.93
N GLU D 165 -17.99 47.32 -8.20
CA GLU D 165 -17.35 46.17 -8.84
C GLU D 165 -18.39 45.33 -9.57
N GLN D 166 -17.96 44.40 -10.42
CA GLN D 166 -18.92 43.55 -11.13
C GLN D 166 -19.80 42.71 -10.19
N ASP D 167 -21.05 42.49 -10.61
CA ASP D 167 -22.05 41.74 -9.85
C ASP D 167 -21.78 40.22 -9.96
N SER D 168 -21.84 39.54 -8.83
CA SER D 168 -21.58 38.10 -8.78
C SER D 168 -22.54 37.25 -9.62
N LYS D 169 -23.75 37.74 -9.85
CA LYS D 169 -24.74 36.98 -10.61
C LYS D 169 -25.04 37.61 -11.97
N ASP D 170 -25.54 38.85 -11.93
CA ASP D 170 -25.94 39.61 -13.12
C ASP D 170 -24.76 40.18 -13.94
N SER D 171 -23.58 40.31 -13.32
CA SER D 171 -22.37 40.78 -14.00
C SER D 171 -22.20 42.25 -14.38
N THR D 172 -23.23 43.06 -14.20
CA THR D 172 -23.15 44.47 -14.56
C THR D 172 -22.55 45.34 -13.46
N TYR D 173 -22.33 46.60 -13.79
CA TYR D 173 -21.78 47.55 -12.86
C TYR D 173 -22.87 48.45 -12.30
N SER D 174 -22.44 49.47 -11.58
CA SER D 174 -23.30 50.47 -10.96
C SER D 174 -22.45 51.72 -10.77
N LEU D 175 -23.00 52.87 -11.14
CA LEU D 175 -22.28 54.13 -11.04
C LEU D 175 -22.99 55.12 -10.14
N SER D 176 -22.20 55.88 -9.38
CA SER D 176 -22.75 56.85 -8.47
C SER D 176 -22.11 58.20 -8.70
N SER D 177 -22.83 59.10 -9.35
CA SER D 177 -22.29 60.43 -9.66
C SER D 177 -22.72 61.48 -8.61
N THR D 178 -21.77 62.26 -8.11
CA THR D 178 -22.04 63.29 -7.11
C THR D 178 -21.61 64.70 -7.56
N LEU D 179 -22.59 65.61 -7.64
CA LEU D 179 -22.36 67.00 -8.04
C LEU D 179 -22.42 67.87 -6.79
N THR D 180 -21.30 68.47 -6.42
CA THR D 180 -21.26 69.27 -5.21
C THR D 180 -21.08 70.77 -5.43
N LEU D 181 -21.99 71.57 -4.89
CA LEU D 181 -21.92 73.02 -5.01
C LEU D 181 -22.18 73.70 -3.67
N SER D 182 -22.32 75.03 -3.68
CA SER D 182 -22.60 75.82 -2.46
C SER D 182 -24.13 75.89 -2.28
N LYS D 183 -24.60 76.27 -1.10
CA LYS D 183 -26.03 76.37 -0.87
C LYS D 183 -26.55 77.56 -1.69
N ALA D 184 -25.70 78.59 -1.82
CA ALA D 184 -26.00 79.81 -2.56
C ALA D 184 -25.79 79.68 -4.08
N ASP D 185 -24.85 78.82 -4.48
CA ASP D 185 -24.62 78.61 -5.92
C ASP D 185 -25.75 77.72 -6.44
N TYR D 186 -26.29 76.90 -5.54
CA TYR D 186 -27.40 75.99 -5.86
C TYR D 186 -28.66 76.82 -5.98
N GLU D 187 -28.98 77.52 -4.90
CA GLU D 187 -30.18 78.37 -4.86
C GLU D 187 -30.11 79.57 -5.79
N LYS D 188 -29.13 79.54 -6.69
CA LYS D 188 -28.93 80.59 -7.66
C LYS D 188 -29.45 80.05 -8.99
N HIS D 189 -29.49 78.73 -9.10
CA HIS D 189 -29.93 78.08 -10.33
C HIS D 189 -31.17 77.16 -10.14
N LYS D 190 -31.85 76.84 -11.24
CA LYS D 190 -33.05 76.00 -11.23
C LYS D 190 -33.00 74.64 -11.95
N VAL D 191 -32.42 74.60 -13.16
CA VAL D 191 -32.35 73.35 -13.91
C VAL D 191 -31.10 72.53 -13.67
N TYR D 192 -31.30 71.30 -13.20
CA TYR D 192 -30.18 70.42 -12.94
C TYR D 192 -30.38 69.14 -13.71
N ALA D 193 -29.73 69.09 -14.87
CA ALA D 193 -29.81 67.95 -15.77
C ALA D 193 -28.59 67.02 -15.70
N CYS D 194 -28.84 65.71 -15.73
CA CYS D 194 -27.78 64.69 -15.69
C CYS D 194 -27.88 63.84 -17.00
N GLU D 195 -27.06 64.18 -18.00
CA GLU D 195 -27.05 63.52 -19.33
C GLU D 195 -26.22 62.22 -19.45
N VAL D 196 -26.92 61.10 -19.49
CA VAL D 196 -26.31 59.79 -19.57
C VAL D 196 -25.99 59.27 -20.97
N THR D 197 -24.70 59.13 -21.27
CA THR D 197 -24.29 58.64 -22.58
C THR D 197 -23.73 57.23 -22.46
N HIS D 198 -24.48 56.24 -22.97
CA HIS D 198 -24.03 54.85 -22.88
C HIS D 198 -24.19 54.06 -24.17
N GLN D 199 -23.26 53.13 -24.38
CA GLN D 199 -23.26 52.29 -25.57
C GLN D 199 -24.56 51.49 -25.66
N GLY D 200 -25.18 51.26 -24.50
CA GLY D 200 -26.42 50.51 -24.47
C GLY D 200 -27.60 51.34 -24.91
N LEU D 201 -27.69 52.55 -24.36
CA LEU D 201 -28.78 53.45 -24.71
C LEU D 201 -28.71 53.78 -26.19
N SER D 202 -29.85 54.16 -26.76
CA SER D 202 -29.91 54.52 -28.17
C SER D 202 -29.37 55.96 -28.30
N SER D 203 -29.92 56.87 -27.49
CA SER D 203 -29.50 58.26 -27.51
C SER D 203 -29.42 58.74 -26.06
N PRO D 204 -28.57 59.75 -25.78
CA PRO D 204 -28.42 60.28 -24.43
C PRO D 204 -29.72 60.52 -23.67
N VAL D 205 -29.98 59.70 -22.65
CA VAL D 205 -31.16 59.84 -21.81
C VAL D 205 -30.80 60.73 -20.63
N THR D 206 -31.68 61.65 -20.26
CA THR D 206 -31.40 62.55 -19.15
C THR D 206 -32.53 62.62 -18.11
N LYS D 207 -32.14 62.87 -16.87
CA LYS D 207 -33.11 62.98 -15.78
C LYS D 207 -32.80 64.29 -15.04
N SER D 208 -33.83 65.06 -14.72
CA SER D 208 -33.65 66.34 -14.03
C SER D 208 -34.76 66.66 -13.05
N PHE D 209 -34.66 67.86 -12.47
CA PHE D 209 -35.62 68.38 -11.52
C PHE D 209 -35.33 69.88 -11.43
N ASN D 210 -36.33 70.67 -11.05
CA ASN D 210 -36.11 72.11 -10.92
C ASN D 210 -35.95 72.45 -9.46
N ARG D 211 -35.23 73.52 -9.17
CA ARG D 211 -35.02 73.91 -7.79
C ARG D 211 -36.30 74.52 -7.20
N GLY D 212 -36.60 74.15 -5.96
CA GLY D 212 -37.79 74.68 -5.31
C GLY D 212 -39.09 74.01 -5.71
N GLU D 213 -38.97 72.76 -6.17
CA GLU D 213 -40.11 71.95 -6.57
C GLU D 213 -39.63 70.52 -6.40
N CYS D 214 -38.54 70.22 -7.09
CA CYS D 214 -37.89 68.91 -7.02
C CYS D 214 -38.64 67.76 -7.68
N GLU E 1 -18.63 25.62 12.80
CA GLU E 1 -18.26 26.69 11.81
C GLU E 1 -17.07 27.45 12.32
N VAL E 2 -15.99 27.47 11.56
CA VAL E 2 -14.82 28.23 12.02
C VAL E 2 -15.08 29.71 11.77
N GLN E 3 -14.84 30.53 12.79
CA GLN E 3 -15.08 31.98 12.73
C GLN E 3 -13.83 32.72 13.14
N LEU E 4 -13.56 33.85 12.49
CA LEU E 4 -12.38 34.64 12.81
C LEU E 4 -12.63 36.13 12.69
N VAL E 5 -13.16 36.76 13.74
CA VAL E 5 -13.44 38.18 13.72
C VAL E 5 -12.23 38.97 14.13
N GLU E 6 -12.11 40.21 13.66
CA GLU E 6 -10.97 41.06 13.99
C GLU E 6 -11.39 42.49 14.29
N SER E 7 -10.75 43.12 15.26
CA SER E 7 -11.16 44.49 15.52
C SER E 7 -9.95 45.21 16.04
N GLY E 8 -10.10 46.51 16.24
CA GLY E 8 -8.99 47.28 16.75
C GLY E 8 -8.41 48.15 15.65
N GLY E 9 -9.07 48.19 14.50
CA GLY E 9 -8.57 49.02 13.42
C GLY E 9 -9.05 50.45 13.56
N GLY E 10 -8.43 51.38 12.84
CA GLY E 10 -8.87 52.77 12.92
C GLY E 10 -7.84 53.83 12.58
N LEU E 11 -8.06 55.03 13.11
CA LEU E 11 -7.15 56.14 12.87
C LEU E 11 -6.05 56.02 13.93
N VAL E 12 -4.79 56.30 13.55
CA VAL E 12 -3.64 56.29 14.47
C VAL E 12 -2.50 57.21 13.96
N GLN E 13 -1.91 57.99 14.89
CA GLN E 13 -0.85 58.95 14.58
C GLN E 13 0.50 58.36 14.32
N PRO E 14 1.15 58.80 13.23
CA PRO E 14 2.48 58.27 12.91
C PRO E 14 3.34 58.31 14.17
N GLY E 15 4.23 57.34 14.32
CA GLY E 15 5.07 57.33 15.51
C GLY E 15 4.27 56.83 16.69
N GLY E 16 2.99 56.55 16.44
CA GLY E 16 2.08 56.06 17.46
C GLY E 16 1.91 54.54 17.46
N SER E 17 0.98 54.06 18.26
CA SER E 17 0.73 52.64 18.37
C SER E 17 -0.73 52.22 18.35
N LEU E 18 -0.94 50.94 18.08
CA LEU E 18 -2.28 50.37 18.02
C LEU E 18 -2.22 48.85 18.19
N ARG E 19 -3.21 48.27 18.86
CA ARG E 19 -3.25 46.83 19.05
C ARG E 19 -4.55 46.28 18.45
N LEU E 20 -4.40 45.36 17.49
CA LEU E 20 -5.52 44.73 16.80
C LEU E 20 -5.87 43.42 17.45
N SER E 21 -7.15 43.05 17.36
CA SER E 21 -7.62 41.79 17.93
C SER E 21 -8.12 40.80 16.90
N CYS E 22 -8.22 39.55 17.31
CA CYS E 22 -8.71 38.46 16.46
C CYS E 22 -9.30 37.37 17.34
N ALA E 23 -10.62 37.32 17.42
CA ALA E 23 -11.30 36.31 18.23
C ALA E 23 -11.57 35.14 17.33
N ALA E 24 -11.04 33.99 17.70
CA ALA E 24 -11.25 32.79 16.91
C ALA E 24 -12.27 31.92 17.62
N SER E 25 -13.21 31.38 16.84
CA SER E 25 -14.26 30.51 17.36
C SER E 25 -14.57 29.42 16.38
N GLY E 26 -15.20 28.36 16.89
CA GLY E 26 -15.55 27.25 16.03
C GLY E 26 -14.50 26.17 15.91
N TYR E 27 -13.46 26.20 16.74
CA TYR E 27 -12.41 25.15 16.72
C TYR E 27 -11.48 25.24 17.95
N SER E 28 -10.75 24.16 18.22
CA SER E 28 -9.78 24.07 19.35
C SER E 28 -8.64 25.08 19.15
N PHE E 29 -8.85 26.30 19.62
CA PHE E 29 -7.87 27.36 19.44
C PHE E 29 -6.42 26.96 19.57
N THR E 30 -6.10 26.25 20.66
CA THR E 30 -4.72 25.83 20.89
C THR E 30 -4.26 24.73 19.92
N GLY E 31 -5.02 24.55 18.84
CA GLY E 31 -4.69 23.51 17.89
C GLY E 31 -4.04 23.93 16.58
N HIS E 32 -4.17 25.18 16.19
CA HIS E 32 -3.59 25.63 14.93
C HIS E 32 -2.75 26.86 15.03
N TRP E 33 -1.73 26.92 14.19
CA TRP E 33 -0.89 28.09 14.22
C TRP E 33 -1.74 29.28 13.80
N MET E 34 -1.36 30.49 14.23
CA MET E 34 -2.12 31.67 13.86
C MET E 34 -1.19 32.65 13.19
N ASN E 35 -1.60 33.18 12.04
CA ASN E 35 -0.76 34.11 11.28
C ASN E 35 -1.39 35.50 11.21
N TRP E 36 -0.66 36.48 10.65
CA TRP E 36 -1.17 37.86 10.46
C TRP E 36 -0.68 38.38 9.08
N VAL E 37 -1.62 38.64 8.19
CA VAL E 37 -1.34 39.11 6.83
C VAL E 37 -1.97 40.47 6.56
N ARG E 38 -1.21 41.38 5.97
CA ARG E 38 -1.76 42.71 5.66
C ARG E 38 -1.78 43.00 4.17
N GLN E 39 -2.46 44.09 3.81
CA GLN E 39 -2.60 44.51 2.42
C GLN E 39 -2.71 46.03 2.25
N ALA E 40 -1.66 46.65 1.73
CA ALA E 40 -1.65 48.09 1.50
C ALA E 40 -2.62 48.35 0.40
N PRO E 41 -3.50 49.33 0.59
CA PRO E 41 -4.51 49.66 -0.42
C PRO E 41 -4.12 49.32 -1.86
N GLY E 42 -5.01 48.61 -2.56
CA GLY E 42 -4.75 48.25 -3.94
C GLY E 42 -3.33 47.77 -4.21
N LYS E 43 -2.81 46.97 -3.29
CA LYS E 43 -1.46 46.41 -3.41
C LYS E 43 -1.46 44.96 -2.88
N GLY E 44 -0.36 44.24 -3.13
CA GLY E 44 -0.24 42.85 -2.73
C GLY E 44 -0.28 42.47 -1.25
N LEU E 45 -0.30 41.17 -0.98
CA LEU E 45 -0.35 40.64 0.39
C LEU E 45 1.03 40.50 0.98
N GLU E 46 1.09 40.37 2.29
CA GLU E 46 2.35 40.26 3.01
C GLU E 46 2.16 39.58 4.34
N TRP E 47 3.00 38.58 4.58
CA TRP E 47 2.96 37.80 5.80
C TRP E 47 3.73 38.55 6.88
N VAL E 48 3.12 38.65 8.07
CA VAL E 48 3.78 39.31 9.18
C VAL E 48 4.51 38.23 10.00
N GLY E 49 3.77 37.27 10.55
CA GLY E 49 4.39 36.21 11.32
C GLY E 49 3.40 35.12 11.72
N MET E 50 3.77 34.23 12.62
CA MET E 50 2.83 33.20 13.04
C MET E 50 3.07 32.86 14.48
N ILE E 51 2.04 32.42 15.18
CA ILE E 51 2.22 32.11 16.58
C ILE E 51 1.32 30.93 16.82
N HIS E 52 1.75 30.06 17.74
CA HIS E 52 0.99 28.88 18.08
C HIS E 52 0.52 29.11 19.48
N PRO E 53 -0.78 29.35 19.68
CA PRO E 53 -1.47 29.60 20.94
C PRO E 53 -1.03 28.90 22.23
N SER E 54 -0.85 27.59 22.15
CA SER E 54 -0.46 26.75 23.30
C SER E 54 0.79 27.11 24.13
N ASP E 55 1.83 27.62 23.46
CA ASP E 55 3.08 27.98 24.13
C ASP E 55 3.74 29.24 23.58
N SER E 56 3.04 29.88 22.65
CA SER E 56 3.47 31.13 22.02
C SER E 56 4.67 31.13 21.09
N GLU E 57 5.05 29.94 20.58
CA GLU E 57 6.20 29.82 19.66
C GLU E 57 5.87 30.76 18.46
N THR E 58 6.65 31.82 18.28
CA THR E 58 6.40 32.76 17.18
C THR E 58 7.54 32.90 16.18
N ARG E 59 7.18 33.12 14.92
CA ARG E 59 8.14 33.28 13.86
C ARG E 59 7.76 34.50 13.04
N TYR E 60 8.57 35.56 13.10
CA TYR E 60 8.26 36.77 12.33
C TYR E 60 8.89 36.76 10.93
N ASN E 61 8.44 37.69 10.10
CA ASN E 61 9.02 37.84 8.80
C ASN E 61 9.98 38.95 9.22
N GLN E 62 11.28 38.65 9.36
CA GLN E 62 12.22 39.67 9.85
C GLN E 62 11.86 41.13 9.58
N LYS E 63 11.33 41.40 8.40
CA LYS E 63 10.97 42.76 8.05
C LYS E 63 10.15 43.40 9.18
N PHE E 64 9.18 42.66 9.71
CA PHE E 64 8.30 43.20 10.75
C PHE E 64 8.66 42.95 12.20
N LYS E 65 9.69 42.15 12.47
CA LYS E 65 10.00 41.88 13.85
C LYS E 65 10.25 43.17 14.65
N ASP E 66 10.92 44.13 14.04
CA ASP E 66 11.23 45.41 14.67
C ASP E 66 10.08 46.17 15.30
N ARG E 67 9.19 46.70 14.46
CA ARG E 67 8.09 47.47 14.98
C ARG E 67 6.78 46.76 15.31
N PHE E 68 6.68 45.47 15.01
CA PHE E 68 5.46 44.70 15.32
C PHE E 68 5.63 43.65 16.40
N THR E 69 4.52 43.27 17.04
CA THR E 69 4.60 42.28 18.10
C THR E 69 3.35 41.48 18.17
N ILE E 70 3.50 40.15 18.11
CA ILE E 70 2.37 39.22 18.15
C ILE E 70 2.32 38.43 19.47
N SER E 71 1.16 38.42 20.10
CA SER E 71 0.97 37.73 21.36
C SER E 71 -0.34 36.99 21.33
N VAL E 72 -0.54 36.06 22.25
CA VAL E 72 -1.76 35.30 22.25
C VAL E 72 -2.37 35.31 23.65
N ASP E 73 -3.62 34.90 23.77
CA ASP E 73 -4.29 34.84 25.07
C ASP E 73 -5.28 33.67 25.07
N LYS E 74 -4.79 32.52 25.52
CA LYS E 74 -5.58 31.30 25.57
C LYS E 74 -6.93 31.43 26.29
N SER E 75 -6.94 32.08 27.45
CA SER E 75 -8.18 32.22 28.19
C SER E 75 -9.33 32.70 27.31
N LYS E 76 -9.09 33.81 26.60
CA LYS E 76 -10.10 34.42 25.74
C LYS E 76 -10.14 33.95 24.31
N ASN E 77 -9.27 33.01 23.95
CA ASN E 77 -9.21 32.54 22.57
C ASN E 77 -9.08 33.77 21.70
N THR E 78 -7.99 34.48 21.91
CA THR E 78 -7.73 35.71 21.17
C THR E 78 -6.26 35.86 20.79
N LEU E 79 -6.03 36.53 19.67
CA LEU E 79 -4.71 36.77 19.09
C LEU E 79 -4.53 38.28 18.93
N TYR E 80 -3.37 38.80 19.32
CA TYR E 80 -3.14 40.22 19.23
C TYR E 80 -2.00 40.56 18.34
N LEU E 81 -2.10 41.69 17.67
CA LEU E 81 -1.03 42.15 16.81
C LEU E 81 -0.77 43.56 17.26
N GLN E 82 0.38 43.76 17.90
CA GLN E 82 0.80 45.06 18.45
C GLN E 82 1.63 45.79 17.41
N MET E 83 1.35 47.06 17.18
CA MET E 83 2.09 47.84 16.19
C MET E 83 2.67 49.10 16.81
N ASN E 84 3.95 49.36 16.57
CA ASN E 84 4.58 50.53 17.15
C ASN E 84 5.35 51.34 16.14
N SER E 85 5.58 52.61 16.47
CA SER E 85 6.32 53.50 15.60
C SER E 85 5.74 53.38 14.20
N LEU E 86 4.41 53.44 14.11
CA LEU E 86 3.71 53.32 12.84
C LEU E 86 4.01 54.42 11.87
N ARG E 87 4.01 54.11 10.59
CA ARG E 87 4.26 55.15 9.61
C ARG E 87 3.25 55.01 8.50
N ALA E 88 3.10 56.07 7.71
CA ALA E 88 2.16 56.08 6.62
C ALA E 88 2.12 54.80 5.79
N GLU E 89 3.26 54.22 5.49
CA GLU E 89 3.29 53.00 4.66
C GLU E 89 2.71 51.75 5.30
N ASP E 90 2.31 51.85 6.56
CA ASP E 90 1.73 50.69 7.24
C ASP E 90 0.21 50.71 7.14
N THR E 91 -0.32 51.67 6.38
CA THR E 91 -1.76 51.78 6.20
C THR E 91 -2.21 50.66 5.28
N ALA E 92 -2.74 49.59 5.88
CA ALA E 92 -3.19 48.47 5.10
C ALA E 92 -4.41 47.86 5.75
N VAL E 93 -4.82 46.71 5.23
CA VAL E 93 -5.96 45.99 5.76
C VAL E 93 -5.32 44.78 6.44
N TYR E 94 -5.35 44.74 7.77
CA TYR E 94 -4.74 43.61 8.44
C TYR E 94 -5.69 42.42 8.57
N TYR E 95 -5.20 41.22 8.26
CA TYR E 95 -6.00 39.99 8.36
C TYR E 95 -5.39 38.99 9.33
N CYS E 96 -6.20 38.23 10.05
CA CYS E 96 -5.63 37.19 10.88
C CYS E 96 -6.12 35.94 10.20
N ALA E 97 -5.19 35.04 9.87
CA ALA E 97 -5.53 33.82 9.19
C ALA E 97 -5.03 32.61 9.95
N ARG E 98 -5.72 31.48 9.77
CA ARG E 98 -5.34 30.24 10.42
C ARG E 98 -4.42 29.50 9.45
N GLY E 99 -3.41 28.79 9.93
CA GLY E 99 -2.56 28.13 8.96
C GLY E 99 -2.47 26.64 9.12
N ILE E 100 -2.15 25.94 8.04
CA ILE E 100 -1.95 24.50 8.08
C ILE E 100 -0.45 24.31 7.94
N TYR E 101 0.17 23.83 9.00
CA TYR E 101 1.63 23.61 9.04
C TYR E 101 1.95 22.26 8.43
N PHE E 102 0.92 21.49 8.06
CA PHE E 102 1.07 20.13 7.51
C PHE E 102 1.95 19.91 6.30
N TYR E 103 1.78 20.72 5.26
CA TYR E 103 2.56 20.56 4.04
C TYR E 103 3.50 21.70 3.80
N GLY E 104 4.75 21.38 3.49
CA GLY E 104 5.73 22.41 3.23
C GLY E 104 5.87 23.24 4.47
N THR E 105 5.50 24.52 4.39
CA THR E 105 5.56 25.37 5.56
C THR E 105 4.17 25.66 6.10
N THR E 106 3.49 26.64 5.52
CA THR E 106 2.16 26.98 6.00
C THR E 106 1.38 27.70 4.92
N TYR E 107 0.08 27.45 4.89
CA TYR E 107 -0.84 28.09 3.95
C TYR E 107 -2.15 28.29 4.71
N PHE E 108 -2.74 29.47 4.57
CA PHE E 108 -3.97 29.75 5.28
C PHE E 108 -5.21 29.15 4.62
N ASP E 109 -6.04 28.49 5.43
CA ASP E 109 -7.26 27.90 4.92
C ASP E 109 -8.46 28.71 5.36
N TYR E 110 -8.35 29.33 6.52
CA TYR E 110 -9.41 30.17 7.07
C TYR E 110 -8.82 31.54 7.32
N TRP E 111 -9.53 32.58 6.87
CA TRP E 111 -9.10 33.97 7.04
C TRP E 111 -10.15 34.73 7.84
N GLY E 112 -9.86 36.00 8.12
CA GLY E 112 -10.79 36.84 8.84
C GLY E 112 -11.34 37.86 7.87
N GLN E 113 -12.46 38.51 8.17
CA GLN E 113 -12.95 39.46 7.21
C GLN E 113 -11.88 40.55 6.99
N GLY E 114 -11.18 40.93 8.05
CA GLY E 114 -10.13 41.94 7.94
C GLY E 114 -10.44 43.28 8.58
N THR E 115 -9.42 43.99 9.04
CA THR E 115 -9.64 45.30 9.65
C THR E 115 -8.64 46.26 9.04
N LEU E 116 -9.05 47.52 8.91
CA LEU E 116 -8.25 48.56 8.29
C LEU E 116 -7.56 49.51 9.29
N VAL E 117 -6.29 49.82 9.04
CA VAL E 117 -5.55 50.70 9.94
C VAL E 117 -5.03 51.90 9.18
N THR E 118 -5.64 53.06 9.44
CA THR E 118 -5.28 54.30 8.76
C THR E 118 -4.32 55.20 9.57
N VAL E 119 -3.06 55.20 9.16
CA VAL E 119 -2.02 56.01 9.80
C VAL E 119 -2.00 57.40 9.20
N SER E 120 -2.59 58.37 9.88
CA SER E 120 -2.63 59.73 9.36
C SER E 120 -2.57 60.82 10.43
N SER E 121 -2.18 62.02 10.03
CA SER E 121 -2.08 63.16 10.93
C SER E 121 -3.37 63.96 11.11
N ALA E 122 -4.50 63.37 10.76
CA ALA E 122 -5.79 64.02 10.88
C ALA E 122 -6.56 63.36 12.03
N SER E 123 -7.68 63.95 12.44
CA SER E 123 -8.48 63.38 13.53
C SER E 123 -9.72 62.74 12.94
N THR E 124 -10.29 61.78 13.67
CA THR E 124 -11.50 61.08 13.23
C THR E 124 -12.62 62.06 12.98
N LYS E 125 -13.69 61.59 12.35
CA LYS E 125 -14.82 62.45 12.07
C LYS E 125 -16.04 61.59 11.81
N GLY E 126 -17.07 61.77 12.64
CA GLY E 126 -18.26 60.98 12.48
C GLY E 126 -19.00 61.32 11.19
N PRO E 127 -19.69 60.33 10.60
CA PRO E 127 -20.44 60.49 9.36
C PRO E 127 -21.83 61.11 9.58
N SER E 128 -22.34 61.72 8.52
CA SER E 128 -23.66 62.33 8.52
C SER E 128 -24.50 61.52 7.55
N VAL E 129 -25.66 61.06 8.01
CA VAL E 129 -26.53 60.26 7.16
C VAL E 129 -27.77 61.02 6.67
N PHE E 130 -27.74 61.43 5.40
CA PHE E 130 -28.87 62.13 4.78
C PHE E 130 -29.64 61.13 3.91
N PRO E 131 -30.97 61.29 3.81
CA PRO E 131 -31.75 60.36 2.98
C PRO E 131 -31.86 60.75 1.50
N LEU E 132 -31.74 59.75 0.62
CA LEU E 132 -31.86 59.94 -0.83
C LEU E 132 -33.28 59.50 -1.22
N ALA E 133 -34.26 60.30 -0.81
CA ALA E 133 -35.66 60.03 -1.06
C ALA E 133 -36.02 59.66 -2.50
N PRO E 134 -37.04 58.80 -2.66
CA PRO E 134 -37.51 58.35 -3.98
C PRO E 134 -38.14 59.42 -4.91
N SER E 135 -38.21 59.10 -6.20
CA SER E 135 -38.72 59.98 -7.25
C SER E 135 -40.10 60.62 -7.07
N SER E 136 -40.18 61.91 -7.36
CA SER E 136 -41.41 62.68 -7.24
C SER E 136 -42.55 62.05 -8.08
N GLY E 142 -41.57 49.79 -13.57
CA GLY E 142 -42.26 50.02 -12.31
C GLY E 142 -41.40 49.74 -11.09
N THR E 143 -40.38 50.57 -10.90
CA THR E 143 -39.46 50.44 -9.76
C THR E 143 -38.87 51.81 -9.39
N ALA E 144 -38.78 52.08 -8.09
CA ALA E 144 -38.22 53.35 -7.63
C ALA E 144 -36.91 53.08 -6.93
N ALA E 145 -36.06 54.08 -6.86
CA ALA E 145 -34.77 53.92 -6.23
C ALA E 145 -34.59 54.89 -5.07
N LEU E 146 -34.05 54.40 -3.97
CA LEU E 146 -33.87 55.23 -2.80
C LEU E 146 -32.61 54.83 -2.03
N GLY E 147 -31.91 55.80 -1.44
CA GLY E 147 -30.69 55.48 -0.70
C GLY E 147 -30.35 56.27 0.56
N CYS E 148 -29.09 56.18 0.98
CA CYS E 148 -28.55 56.86 2.17
C CYS E 148 -27.21 57.50 1.81
N LEU E 149 -27.08 58.80 2.00
CA LEU E 149 -25.80 59.41 1.64
C LEU E 149 -24.88 59.63 2.82
N VAL E 150 -24.01 58.67 3.08
CA VAL E 150 -23.05 58.80 4.17
C VAL E 150 -22.05 59.88 3.77
N LYS E 151 -22.10 61.02 4.46
CA LYS E 151 -21.19 62.12 4.14
C LYS E 151 -20.15 62.49 5.19
N ASP E 152 -19.04 63.05 4.70
CA ASP E 152 -17.91 63.49 5.50
C ASP E 152 -17.58 62.60 6.71
N TYR E 153 -16.52 61.82 6.59
CA TYR E 153 -16.10 60.94 7.67
C TYR E 153 -14.63 60.63 7.46
N PHE E 154 -13.96 60.13 8.50
CA PHE E 154 -12.54 59.79 8.43
C PHE E 154 -12.24 58.98 9.70
N PRO E 155 -11.60 57.81 9.55
CA PRO E 155 -11.20 57.31 8.23
C PRO E 155 -12.20 56.23 7.83
N GLU E 156 -11.80 55.38 6.90
CA GLU E 156 -12.69 54.31 6.50
C GLU E 156 -12.48 53.18 7.49
N PRO E 157 -13.37 52.18 7.47
CA PRO E 157 -14.52 52.12 6.56
C PRO E 157 -15.87 52.23 7.28
N VAL E 158 -16.98 52.09 6.53
CA VAL E 158 -18.33 52.18 7.10
C VAL E 158 -19.18 51.02 6.57
N THR E 159 -19.95 50.36 7.46
CA THR E 159 -20.81 49.23 7.05
C THR E 159 -22.28 49.61 7.05
N VAL E 160 -22.88 49.63 5.87
CA VAL E 160 -24.28 49.99 5.73
C VAL E 160 -25.14 48.79 5.35
N SER E 161 -26.25 48.59 6.05
CA SER E 161 -27.17 47.48 5.74
C SER E 161 -28.60 47.98 5.98
N TRP E 162 -29.55 47.57 5.14
CA TRP E 162 -30.94 48.02 5.28
C TRP E 162 -31.87 47.05 6.03
N ASN E 163 -32.83 47.62 6.76
CA ASN E 163 -33.81 46.86 7.52
C ASN E 163 -33.15 45.68 8.26
N SER E 164 -32.02 45.98 8.88
CA SER E 164 -31.22 45.03 9.65
C SER E 164 -30.83 43.79 8.85
N GLY E 165 -30.33 44.02 7.64
CA GLY E 165 -29.93 42.91 6.79
C GLY E 165 -31.11 42.16 6.22
N ALA E 166 -32.32 42.63 6.55
CA ALA E 166 -33.54 42.01 6.05
C ALA E 166 -33.87 42.54 4.65
N LEU E 167 -32.83 42.90 3.90
CA LEU E 167 -32.97 43.40 2.53
C LEU E 167 -31.58 43.43 1.95
N THR E 168 -31.25 42.45 1.11
CA THR E 168 -29.94 42.40 0.49
C THR E 168 -30.09 42.50 -1.02
N SER E 169 -31.30 42.24 -1.50
CA SER E 169 -31.58 42.30 -2.92
C SER E 169 -31.54 43.72 -3.46
N GLY E 170 -30.79 43.90 -4.54
CA GLY E 170 -30.69 45.19 -5.17
C GLY E 170 -30.01 46.25 -4.34
N VAL E 171 -29.17 45.84 -3.40
CA VAL E 171 -28.48 46.82 -2.58
C VAL E 171 -27.09 47.09 -3.17
N HIS E 172 -26.83 48.35 -3.48
CA HIS E 172 -25.55 48.72 -4.06
C HIS E 172 -24.83 49.73 -3.17
N THR E 173 -23.88 49.27 -2.37
CA THR E 173 -23.14 50.17 -1.52
C THR E 173 -21.93 50.63 -2.30
N PHE E 174 -21.98 51.85 -2.82
CA PHE E 174 -20.87 52.35 -3.62
C PHE E 174 -19.61 52.66 -2.83
N PRO E 175 -18.44 52.36 -3.41
CA PRO E 175 -17.16 52.61 -2.74
C PRO E 175 -17.09 54.09 -2.37
N ALA E 176 -16.40 54.39 -1.28
CA ALA E 176 -16.26 55.76 -0.82
C ALA E 176 -15.34 56.59 -1.72
N VAL E 177 -15.73 57.83 -1.98
CA VAL E 177 -14.93 58.72 -2.80
C VAL E 177 -14.30 59.76 -1.90
N LEU E 178 -12.99 59.93 -2.03
CA LEU E 178 -12.25 60.89 -1.23
C LEU E 178 -12.30 62.23 -1.94
N GLN E 179 -12.84 63.23 -1.27
CA GLN E 179 -12.96 64.57 -1.84
C GLN E 179 -11.84 65.49 -1.36
N SER E 180 -11.81 66.71 -1.89
CA SER E 180 -10.80 67.68 -1.51
C SER E 180 -10.74 67.94 -0.01
N SER E 181 -11.86 67.79 0.68
CA SER E 181 -11.90 68.02 2.12
C SER E 181 -11.26 66.92 2.98
N GLY E 182 -10.39 66.12 2.38
CA GLY E 182 -9.71 65.05 3.11
C GLY E 182 -10.61 64.05 3.84
N LEU E 183 -11.91 64.15 3.61
CA LEU E 183 -12.90 63.25 4.21
C LEU E 183 -13.47 62.34 3.12
N TYR E 184 -14.11 61.25 3.53
CA TYR E 184 -14.70 60.31 2.58
C TYR E 184 -16.20 60.53 2.43
N SER E 185 -16.84 59.76 1.56
CA SER E 185 -18.27 59.90 1.35
C SER E 185 -18.78 58.81 0.40
N LEU E 186 -19.70 57.98 0.87
CA LEU E 186 -20.27 56.91 0.07
C LEU E 186 -21.79 56.79 0.27
N SER E 187 -22.51 56.51 -0.82
CA SER E 187 -23.97 56.39 -0.80
C SER E 187 -24.46 54.96 -1.07
N SER E 188 -25.21 54.37 -0.12
CA SER E 188 -25.74 53.01 -0.27
C SER E 188 -27.19 52.99 -0.76
N VAL E 189 -27.40 52.63 -2.03
CA VAL E 189 -28.74 52.59 -2.63
C VAL E 189 -29.37 51.21 -2.76
N VAL E 190 -30.68 51.18 -2.93
CA VAL E 190 -31.42 49.93 -3.07
C VAL E 190 -32.69 50.17 -3.90
N THR E 191 -32.93 49.32 -4.89
CA THR E 191 -34.12 49.43 -5.74
C THR E 191 -35.26 48.59 -5.18
N VAL E 192 -36.46 49.18 -5.18
CA VAL E 192 -37.66 48.52 -4.68
C VAL E 192 -38.86 48.89 -5.55
N PRO E 193 -39.97 48.15 -5.44
CA PRO E 193 -41.18 48.42 -6.23
C PRO E 193 -41.60 49.90 -6.11
N SER E 194 -42.18 50.45 -7.17
CA SER E 194 -42.62 51.84 -7.15
C SER E 194 -43.93 51.92 -6.37
N SER E 195 -44.53 50.76 -6.16
CA SER E 195 -45.77 50.63 -5.44
C SER E 195 -45.58 50.72 -3.92
N SER E 196 -44.81 49.80 -3.36
CA SER E 196 -44.58 49.77 -1.92
C SER E 196 -44.03 51.04 -1.29
N LEU E 197 -44.00 52.15 -2.02
CA LEU E 197 -43.51 53.42 -1.46
C LEU E 197 -44.60 54.11 -0.63
N GLY E 198 -44.39 54.24 0.68
CA GLY E 198 -45.37 54.88 1.52
C GLY E 198 -46.07 53.89 2.43
N THR E 199 -45.86 52.60 2.16
CA THR E 199 -46.45 51.52 2.95
C THR E 199 -45.35 50.66 3.57
N GLN E 200 -44.15 50.71 3.00
CA GLN E 200 -43.01 49.95 3.50
C GLN E 200 -41.93 50.91 4.01
N THR E 201 -41.31 50.55 5.13
CA THR E 201 -40.27 51.39 5.73
C THR E 201 -38.89 50.98 5.26
N TYR E 202 -38.04 51.98 5.02
CA TYR E 202 -36.68 51.74 4.56
C TYR E 202 -35.69 52.56 5.36
N ILE E 203 -34.96 51.88 6.23
CA ILE E 203 -33.98 52.50 7.09
C ILE E 203 -32.62 51.81 6.88
N CYS E 204 -31.58 52.59 6.62
CA CYS E 204 -30.25 52.01 6.44
C CYS E 204 -29.55 51.96 7.78
N ASN E 205 -28.61 51.03 7.91
CA ASN E 205 -27.87 50.89 9.15
C ASN E 205 -26.38 51.21 8.95
N VAL E 206 -26.08 52.50 8.98
CA VAL E 206 -24.70 52.98 8.81
C VAL E 206 -23.93 52.78 10.09
N ASN E 207 -22.72 52.23 9.96
CA ASN E 207 -21.88 51.98 11.10
C ASN E 207 -20.50 52.56 10.83
N HIS E 208 -19.88 53.15 11.84
CA HIS E 208 -18.56 53.73 11.66
C HIS E 208 -17.76 53.51 12.92
N LYS E 209 -17.23 52.30 13.05
CA LYS E 209 -16.46 51.90 14.21
C LYS E 209 -15.31 52.84 14.66
N PRO E 210 -14.48 53.32 13.72
CA PRO E 210 -13.36 54.21 14.09
C PRO E 210 -13.72 55.57 14.70
N SER E 211 -14.95 55.71 15.18
CA SER E 211 -15.38 56.97 15.77
C SER E 211 -16.53 56.68 16.70
N ASN E 212 -16.95 55.41 16.71
CA ASN E 212 -18.08 54.98 17.52
C ASN E 212 -19.28 55.83 17.11
N THR E 213 -19.85 55.49 15.95
CA THR E 213 -21.01 56.17 15.39
C THR E 213 -21.98 55.11 14.83
N LYS E 214 -23.16 54.99 15.43
CA LYS E 214 -24.19 54.03 14.99
C LYS E 214 -25.52 54.72 14.63
N VAL E 215 -25.67 55.11 13.36
CA VAL E 215 -26.87 55.82 12.88
C VAL E 215 -27.88 55.00 12.08
N ASP E 216 -29.12 54.92 12.57
CA ASP E 216 -30.18 54.19 11.86
C ASP E 216 -31.13 55.17 11.18
N LYS E 217 -30.77 55.58 9.95
CA LYS E 217 -31.54 56.55 9.18
C LYS E 217 -32.68 55.96 8.33
N LYS E 218 -33.91 56.41 8.59
CA LYS E 218 -35.06 55.93 7.82
C LYS E 218 -35.24 56.80 6.60
N VAL E 219 -35.52 56.19 5.45
CA VAL E 219 -35.74 56.96 4.24
C VAL E 219 -37.25 57.13 4.05
N GLU E 220 -37.70 58.38 4.17
CA GLU E 220 -39.11 58.76 4.02
C GLU E 220 -39.99 58.50 5.23
N GLY F 1 3.45 0.16 38.48
CA GLY F 1 2.12 0.62 38.00
C GLY F 1 2.19 1.57 36.81
N ASN F 2 3.20 2.43 36.78
CA ASN F 2 3.32 3.38 35.67
C ASN F 2 3.48 2.72 34.28
N VAL F 3 2.99 3.39 33.25
CA VAL F 3 3.04 2.89 31.88
C VAL F 3 3.51 3.92 30.85
N ASP F 4 4.35 3.49 29.91
CA ASP F 4 4.82 4.35 28.85
C ASP F 4 3.94 4.00 27.69
N LEU F 5 3.43 4.97 26.96
CA LEU F 5 2.55 4.64 25.86
C LEU F 5 2.93 5.41 24.63
N VAL F 6 3.02 4.73 23.50
CA VAL F 6 3.37 5.40 22.26
C VAL F 6 2.22 5.41 21.30
N PHE F 7 2.22 6.40 20.43
CA PHE F 7 1.19 6.55 19.41
C PHE F 7 1.87 6.40 18.08
N LEU F 8 1.56 5.36 17.35
CA LEU F 8 2.21 5.21 16.08
C LEU F 8 1.19 5.47 15.01
N PHE F 9 0.95 6.75 14.70
CA PHE F 9 -0.05 7.11 13.68
C PHE F 9 0.44 7.11 12.26
N ASP F 10 -0.49 6.78 11.36
CA ASP F 10 -0.30 6.65 9.91
C ASP F 10 -0.33 7.99 9.16
N GLY F 11 0.70 8.27 8.36
CA GLY F 11 0.74 9.53 7.64
C GLY F 11 1.01 9.33 6.17
N SER F 12 0.25 8.41 5.61
CA SER F 12 0.28 8.00 4.21
C SER F 12 -0.40 9.05 3.35
N MET F 13 -0.34 8.83 2.04
CA MET F 13 -0.95 9.74 1.06
C MET F 13 -2.48 9.65 0.90
N SER F 14 -3.12 8.63 1.45
CA SER F 14 -4.58 8.45 1.31
C SER F 14 -5.36 9.36 2.23
N LEU F 15 -4.74 9.68 3.36
CA LEU F 15 -5.38 10.57 4.32
C LEU F 15 -5.53 11.97 3.75
N GLN F 16 -6.58 12.66 4.15
CA GLN F 16 -6.85 14.02 3.72
C GLN F 16 -6.31 14.90 4.84
N PRO F 17 -6.13 16.21 4.58
CA PRO F 17 -5.61 17.04 5.67
C PRO F 17 -6.55 17.03 6.87
N ASP F 18 -7.84 16.90 6.57
CA ASP F 18 -8.88 16.89 7.59
C ASP F 18 -8.82 15.65 8.47
N GLU F 19 -8.77 14.49 7.83
CA GLU F 19 -8.72 13.23 8.55
C GLU F 19 -7.45 13.16 9.39
N PHE F 20 -6.33 13.61 8.84
CA PHE F 20 -5.06 13.57 9.57
C PHE F 20 -5.25 14.25 10.93
N GLN F 21 -5.77 15.47 10.88
CA GLN F 21 -6.03 16.25 12.06
C GLN F 21 -6.83 15.46 13.09
N LYS F 22 -7.94 14.85 12.68
CA LYS F 22 -8.77 14.06 13.61
C LYS F 22 -7.98 12.97 14.33
N ILE F 23 -6.85 12.58 13.76
CA ILE F 23 -5.99 11.57 14.36
C ILE F 23 -5.12 12.21 15.42
N LEU F 24 -4.60 13.39 15.11
CA LEU F 24 -3.75 14.13 16.03
C LEU F 24 -4.59 14.65 17.20
N ASP F 25 -5.84 14.97 16.91
CA ASP F 25 -6.81 15.45 17.89
C ASP F 25 -7.24 14.31 18.80
N PHE F 26 -7.28 13.12 18.23
CA PHE F 26 -7.62 11.92 18.98
C PHE F 26 -6.48 11.69 19.95
N MET F 27 -5.26 11.76 19.42
CA MET F 27 -4.05 11.56 20.22
C MET F 27 -3.98 12.56 21.36
N LYS F 28 -4.40 13.79 21.14
CA LYS F 28 -4.33 14.77 22.21
C LYS F 28 -5.41 14.54 23.25
N ASP F 29 -6.58 14.08 22.81
CA ASP F 29 -7.68 13.86 23.75
C ASP F 29 -7.41 12.68 24.66
N VAL F 30 -6.50 11.82 24.24
CA VAL F 30 -6.13 10.68 25.04
C VAL F 30 -5.10 11.14 26.09
N MET F 31 -4.21 12.05 25.71
CA MET F 31 -3.20 12.54 26.62
C MET F 31 -3.76 13.54 27.65
N LYS F 32 -4.85 14.22 27.29
CA LYS F 32 -5.44 15.18 28.20
C LYS F 32 -6.22 14.42 29.24
N LYS F 33 -6.94 13.40 28.83
CA LYS F 33 -7.71 12.64 29.78
C LYS F 33 -6.77 11.90 30.74
N LEU F 34 -5.71 11.31 30.20
CA LEU F 34 -4.75 10.58 31.01
C LEU F 34 -3.60 11.43 31.51
N SER F 35 -3.85 12.68 31.82
CA SER F 35 -2.76 13.51 32.32
C SER F 35 -2.96 13.61 33.84
N ASN F 36 -1.92 13.95 34.60
CA ASN F 36 -2.09 14.01 36.05
C ASN F 36 -2.19 12.55 36.55
N THR F 37 -1.54 11.64 35.81
CA THR F 37 -1.51 10.22 36.18
C THR F 37 -0.12 9.66 35.85
N SER F 38 0.10 8.38 36.16
CA SER F 38 1.40 7.70 35.93
C SER F 38 1.80 7.54 34.44
N TYR F 39 0.85 7.80 33.57
CA TYR F 39 1.02 7.71 32.12
C TYR F 39 1.97 8.73 31.58
N GLN F 40 2.82 8.31 30.66
CA GLN F 40 3.72 9.24 30.00
C GLN F 40 3.92 8.77 28.57
N PHE F 41 3.57 9.65 27.65
CA PHE F 41 3.60 9.38 26.24
C PHE F 41 4.80 9.72 25.37
N ALA F 42 4.63 9.37 24.09
CA ALA F 42 5.59 9.58 23.00
C ALA F 42 4.74 9.45 21.75
N ALA F 43 5.20 9.99 20.62
CA ALA F 43 4.43 9.90 19.39
C ALA F 43 5.34 9.73 18.19
N VAL F 44 4.97 8.83 17.29
CA VAL F 44 5.76 8.52 16.12
C VAL F 44 4.91 8.41 14.85
N GLN F 45 5.19 9.26 13.86
CA GLN F 45 4.52 9.16 12.56
C GLN F 45 5.29 8.23 11.63
N PHE F 46 4.59 7.25 11.08
CA PHE F 46 5.19 6.32 10.12
C PHE F 46 4.51 6.43 8.76
N SER F 47 5.30 6.26 7.70
CA SER F 47 4.75 6.19 6.35
C SER F 47 5.63 5.33 5.44
N THR F 48 6.52 5.99 4.70
CA THR F 48 7.71 5.34 4.16
C THR F 48 8.83 5.28 5.20
N SER F 49 9.25 6.46 5.67
CA SER F 49 10.13 6.54 6.82
C SER F 49 9.34 6.85 8.10
N TYR F 50 10.04 6.89 9.22
CA TYR F 50 9.38 7.01 10.52
C TYR F 50 9.95 8.19 11.31
N LYS F 51 9.09 9.14 11.66
CA LYS F 51 9.49 10.30 12.43
C LYS F 51 8.97 10.23 13.86
N THR F 52 9.83 10.56 14.81
CA THR F 52 9.42 10.67 16.20
C THR F 52 9.12 12.12 16.43
N GLU F 53 7.85 12.44 16.61
CA GLU F 53 7.45 13.81 16.82
C GLU F 53 7.88 14.31 18.19
N PHE F 54 7.73 13.46 19.20
CA PHE F 54 8.15 13.82 20.55
C PHE F 54 8.36 12.58 21.41
N ASP F 55 9.51 12.50 22.08
CA ASP F 55 9.83 11.36 22.92
C ASP F 55 9.52 11.63 24.38
N PHE F 56 9.36 10.56 25.14
CA PHE F 56 9.02 10.65 26.55
C PHE F 56 9.54 11.84 27.36
N SER F 57 10.85 12.06 27.35
CA SER F 57 11.41 13.18 28.11
C SER F 57 10.75 14.50 27.71
N ASP F 58 10.35 14.56 26.44
CA ASP F 58 9.68 15.74 25.96
C ASP F 58 8.33 15.83 26.59
N TYR F 59 7.71 14.70 26.90
CA TYR F 59 6.39 14.80 27.48
C TYR F 59 6.44 15.36 28.87
N VAL F 60 7.34 14.82 29.70
CA VAL F 60 7.50 15.23 31.12
C VAL F 60 7.93 16.69 31.22
N LYS F 61 8.69 17.10 30.23
CA LYS F 61 9.22 18.44 30.12
C LYS F 61 8.27 19.51 29.57
N ARG F 62 7.29 19.13 28.74
CA ARG F 62 6.34 20.11 28.19
C ARG F 62 4.91 19.91 28.71
N LYS F 63 4.50 18.67 28.89
CA LYS F 63 3.18 18.32 29.39
C LYS F 63 1.98 18.84 28.60
N ASP F 64 2.21 19.69 27.62
CA ASP F 64 1.11 20.21 26.82
C ASP F 64 1.07 19.45 25.52
N PRO F 65 -0.02 18.71 25.27
CA PRO F 65 -0.14 17.94 24.04
C PRO F 65 -0.14 18.86 22.85
N ASP F 66 -0.90 19.94 22.94
CA ASP F 66 -1.02 20.84 21.82
C ASP F 66 0.27 21.49 21.42
N ALA F 67 1.15 21.75 22.38
CA ALA F 67 2.41 22.41 22.05
C ALA F 67 3.46 21.44 21.59
N LEU F 68 3.28 20.16 21.92
CA LEU F 68 4.23 19.10 21.55
C LEU F 68 4.08 18.62 20.13
N LEU F 69 2.85 18.63 19.64
CA LEU F 69 2.58 18.19 18.27
C LEU F 69 2.38 19.38 17.33
N LYS F 70 3.00 20.54 17.58
CA LYS F 70 2.78 21.69 16.69
C LYS F 70 3.70 21.74 15.47
N HIS F 71 4.76 20.94 15.47
CA HIS F 71 5.68 20.95 14.34
C HIS F 71 5.48 19.64 13.57
N VAL F 72 4.32 19.02 13.76
CA VAL F 72 4.02 17.79 13.04
C VAL F 72 3.69 18.12 11.60
N LYS F 73 4.21 17.34 10.67
CA LYS F 73 3.94 17.55 9.26
C LYS F 73 3.51 16.25 8.61
N HIS F 74 2.47 16.30 7.79
CA HIS F 74 1.97 15.09 7.14
C HIS F 74 2.90 14.56 6.06
N MET F 75 3.43 13.35 6.25
CA MET F 75 4.35 12.75 5.28
C MET F 75 3.80 12.49 3.88
N LEU F 76 2.56 12.05 3.79
CA LEU F 76 1.93 11.78 2.52
C LEU F 76 2.65 10.74 1.68
N LEU F 77 3.10 9.64 2.26
CA LEU F 77 3.82 8.65 1.46
C LEU F 77 3.17 7.29 1.61
N LEU F 78 3.96 6.21 1.64
CA LEU F 78 3.42 4.85 1.77
C LEU F 78 3.05 4.54 3.22
N THR F 79 2.77 3.26 3.49
CA THR F 79 2.35 2.82 4.83
C THR F 79 3.11 1.57 5.37
N ASN F 80 4.41 1.72 5.67
CA ASN F 80 5.26 0.63 6.17
C ASN F 80 5.03 0.35 7.65
N THR F 81 3.95 -0.36 7.96
CA THR F 81 3.63 -0.65 9.36
C THR F 81 4.64 -1.55 10.06
N PHE F 82 5.06 -2.62 9.40
CA PHE F 82 6.04 -3.54 10.01
C PHE F 82 7.31 -2.82 10.48
N GLY F 83 7.90 -2.02 9.60
CA GLY F 83 9.11 -1.30 9.97
C GLY F 83 8.80 -0.28 11.04
N ALA F 84 7.57 0.21 11.03
CA ALA F 84 7.18 1.20 12.01
C ALA F 84 7.14 0.60 13.41
N ILE F 85 6.62 -0.62 13.52
CA ILE F 85 6.53 -1.26 14.82
C ILE F 85 7.87 -1.74 15.30
N ASN F 86 8.79 -2.00 14.38
CA ASN F 86 10.09 -2.43 14.80
C ASN F 86 10.93 -1.25 15.19
N TYR F 87 10.57 -0.09 14.64
CA TYR F 87 11.27 1.13 14.95
C TYR F 87 10.89 1.46 16.37
N VAL F 88 9.60 1.48 16.65
CA VAL F 88 9.12 1.80 17.98
C VAL F 88 9.78 0.98 19.09
N ALA F 89 9.88 -0.33 18.86
CA ALA F 89 10.46 -1.25 19.82
C ALA F 89 11.95 -0.97 20.06
N THR F 90 12.71 -0.83 18.98
CA THR F 90 14.13 -0.63 19.14
C THR F 90 14.69 0.79 19.17
N GLU F 91 13.89 1.81 18.87
CA GLU F 91 14.49 3.13 18.91
C GLU F 91 13.76 4.12 19.80
N VAL F 92 12.48 3.88 20.02
CA VAL F 92 11.70 4.78 20.87
C VAL F 92 11.59 4.30 22.32
N PHE F 93 11.50 2.98 22.53
CA PHE F 93 11.42 2.52 23.91
C PHE F 93 12.83 2.31 24.43
N ARG F 94 13.59 3.39 24.54
CA ARG F 94 14.96 3.36 25.06
C ARG F 94 15.00 4.37 26.20
N GLU F 95 15.75 4.08 27.26
CA GLU F 95 15.79 5.01 28.39
C GLU F 95 16.50 6.31 28.07
N GLU F 96 17.13 6.41 26.91
CA GLU F 96 17.80 7.65 26.52
C GLU F 96 16.68 8.63 26.18
N LEU F 97 15.65 8.13 25.52
CA LEU F 97 14.53 8.96 25.16
C LEU F 97 13.53 8.99 26.30
N GLY F 98 13.98 8.55 27.46
CA GLY F 98 13.11 8.58 28.62
C GLY F 98 12.13 7.46 28.91
N ALA F 99 12.49 6.21 28.61
CA ALA F 99 11.58 5.11 28.92
C ALA F 99 11.92 4.55 30.31
N ARG F 100 10.91 4.53 31.20
CA ARG F 100 11.07 4.02 32.55
C ARG F 100 11.10 2.49 32.51
N PRO F 101 12.26 1.91 32.85
CA PRO F 101 12.45 0.45 32.84
C PRO F 101 11.29 -0.35 33.39
N ASP F 102 10.86 -0.01 34.59
CA ASP F 102 9.78 -0.74 35.23
C ASP F 102 8.42 -0.67 34.53
N ALA F 103 8.07 0.50 33.99
CA ALA F 103 6.75 0.70 33.35
C ALA F 103 6.40 -0.23 32.18
N THR F 104 5.14 -0.66 32.12
CA THR F 104 4.73 -1.57 31.04
C THR F 104 4.54 -0.86 29.72
N LYS F 105 5.42 -1.05 28.75
CA LYS F 105 5.25 -0.37 27.45
C LYS F 105 3.88 -0.62 26.84
N VAL F 106 3.34 0.36 26.11
CA VAL F 106 2.06 0.19 25.42
C VAL F 106 2.16 0.89 24.08
N LEU F 107 1.22 0.66 23.18
CA LEU F 107 1.36 1.24 21.85
C LEU F 107 0.05 1.23 21.12
N ILE F 108 -0.46 2.40 20.78
CA ILE F 108 -1.73 2.48 20.06
C ILE F 108 -1.43 2.67 18.58
N ILE F 109 -1.71 1.69 17.74
CA ILE F 109 -1.44 1.82 16.30
C ILE F 109 -2.64 2.41 15.55
N ILE F 110 -2.50 3.55 14.90
CA ILE F 110 -3.66 4.09 14.18
C ILE F 110 -3.41 4.03 12.66
N THR F 111 -4.34 3.54 11.84
CA THR F 111 -4.01 3.45 10.41
C THR F 111 -5.24 3.49 9.49
N ASP F 112 -5.14 3.97 8.26
CA ASP F 112 -6.35 3.87 7.45
C ASP F 112 -6.04 2.94 6.23
N GLY F 113 -5.08 2.01 6.36
CA GLY F 113 -4.76 1.10 5.25
C GLY F 113 -4.02 -0.22 5.57
N GLU F 114 -4.04 -1.24 4.70
CA GLU F 114 -3.28 -2.48 5.00
C GLU F 114 -1.80 -2.06 4.88
N ALA F 115 -0.85 -2.90 5.27
CA ALA F 115 0.59 -2.58 5.18
C ALA F 115 1.20 -2.62 3.76
N THR F 116 2.40 -2.06 3.60
CA THR F 116 3.02 -2.06 2.28
C THR F 116 4.30 -2.85 2.25
N ASP F 117 4.71 -3.29 3.45
CA ASP F 117 5.93 -4.08 3.63
C ASP F 117 5.68 -5.38 4.39
N SER F 118 6.73 -6.17 4.57
CA SER F 118 6.56 -7.42 5.26
C SER F 118 7.58 -7.57 6.35
N GLY F 119 7.71 -8.80 6.82
CA GLY F 119 8.66 -9.10 7.87
C GLY F 119 8.01 -9.64 9.12
N ASN F 120 8.39 -9.06 10.25
CA ASN F 120 7.88 -9.50 11.55
C ASN F 120 8.03 -8.43 12.60
N ILE F 121 7.37 -8.65 13.72
CA ILE F 121 7.44 -7.71 14.81
C ILE F 121 7.85 -8.47 16.06
N ASP F 122 8.95 -9.20 15.97
CA ASP F 122 9.39 -9.95 17.13
C ASP F 122 10.06 -9.08 18.18
N ALA F 123 10.61 -7.95 17.76
CA ALA F 123 11.28 -7.06 18.71
C ALA F 123 10.25 -6.36 19.56
N ALA F 124 8.99 -6.48 19.19
CA ALA F 124 7.93 -5.80 19.93
C ALA F 124 6.97 -6.79 20.59
N LYS F 125 7.49 -7.98 20.88
CA LYS F 125 6.71 -9.05 21.49
C LYS F 125 6.19 -8.67 22.86
N ASP F 126 7.09 -8.21 23.73
CA ASP F 126 6.73 -7.84 25.09
C ASP F 126 6.05 -6.47 25.25
N ILE F 127 5.34 -6.01 24.22
CA ILE F 127 4.66 -4.70 24.25
C ILE F 127 3.14 -4.90 24.09
N ILE F 128 2.33 -4.13 24.81
CA ILE F 128 0.90 -4.31 24.67
C ILE F 128 0.43 -3.52 23.47
N ARG F 129 0.28 -4.16 22.32
CA ARG F 129 -0.15 -3.43 21.13
C ARG F 129 -1.64 -3.42 20.81
N TYR F 130 -2.15 -2.22 20.50
CA TYR F 130 -3.54 -2.00 20.12
C TYR F 130 -3.47 -1.47 18.71
N ILE F 131 -4.51 -1.61 17.91
CA ILE F 131 -4.43 -1.07 16.57
C ILE F 131 -5.78 -0.47 16.21
N ILE F 132 -5.81 0.53 15.36
CA ILE F 132 -7.09 1.13 15.05
C ILE F 132 -7.27 1.36 13.58
N GLY F 133 -8.10 0.54 12.93
CA GLY F 133 -8.29 0.70 11.49
C GLY F 133 -9.32 1.78 11.19
N ILE F 134 -8.98 2.75 10.37
CA ILE F 134 -9.96 3.74 10.16
C ILE F 134 -10.52 3.93 8.77
N GLY F 135 -11.82 3.69 8.67
CA GLY F 135 -12.67 3.92 7.48
C GLY F 135 -12.12 3.74 6.07
N LYS F 136 -13.08 3.76 5.11
CA LYS F 136 -13.01 3.51 3.67
C LYS F 136 -11.99 2.47 3.20
N HIS F 137 -11.06 2.04 4.07
CA HIS F 137 -10.12 1.01 3.59
C HIS F 137 -10.11 -0.19 4.54
N PHE F 138 -11.13 -0.29 5.40
CA PHE F 138 -11.22 -1.36 6.34
C PHE F 138 -12.67 -1.79 6.44
N GLN F 139 -13.35 -1.70 5.30
CA GLN F 139 -14.73 -2.06 5.21
C GLN F 139 -14.94 -3.56 5.19
N THR F 140 -14.05 -4.29 4.53
CA THR F 140 -14.11 -5.76 4.39
C THR F 140 -13.38 -6.52 5.49
N LYS F 141 -13.76 -7.78 5.73
CA LYS F 141 -13.12 -8.57 6.78
C LYS F 141 -11.78 -9.12 6.40
N GLU F 142 -11.46 -9.14 5.10
CA GLU F 142 -10.16 -9.66 4.63
C GLU F 142 -9.02 -8.70 4.90
N SER F 143 -9.36 -7.41 4.86
CA SER F 143 -8.39 -6.36 5.09
C SER F 143 -8.26 -6.19 6.58
N GLN F 144 -9.36 -6.39 7.28
CA GLN F 144 -9.35 -6.24 8.72
C GLN F 144 -8.47 -7.26 9.37
N GLU F 145 -8.48 -8.48 8.85
CA GLU F 145 -7.68 -9.50 9.46
C GLU F 145 -6.20 -9.33 9.27
N THR F 146 -5.80 -8.38 8.42
CA THR F 146 -4.38 -8.24 8.32
C THR F 146 -3.95 -7.57 9.61
N LEU F 147 -4.73 -6.57 10.02
CA LEU F 147 -4.45 -5.80 11.22
C LEU F 147 -4.15 -6.70 12.39
N HIS F 148 -4.86 -7.79 12.50
CA HIS F 148 -4.63 -8.64 13.63
C HIS F 148 -3.16 -8.89 13.92
N LYS F 149 -2.41 -9.31 12.92
CA LYS F 149 -1.01 -9.60 13.19
C LYS F 149 -0.26 -8.55 13.96
N PHE F 150 -0.64 -7.30 13.82
CA PHE F 150 0.09 -6.27 14.53
C PHE F 150 -0.39 -6.14 15.96
N ALA F 151 -1.63 -6.53 16.20
CA ALA F 151 -2.25 -6.45 17.51
C ALA F 151 -1.75 -7.49 18.50
N SER F 152 -2.31 -7.45 19.70
CA SER F 152 -1.97 -8.43 20.72
C SER F 152 -3.19 -9.31 20.83
N LYS F 153 -2.95 -10.61 21.04
CA LYS F 153 -4.03 -11.58 21.14
C LYS F 153 -4.73 -11.52 22.49
N PRO F 154 -6.05 -11.75 22.53
CA PRO F 154 -7.01 -12.06 21.45
C PRO F 154 -7.47 -10.82 20.68
N ALA F 155 -7.30 -10.87 19.37
CA ALA F 155 -7.67 -9.77 18.49
C ALA F 155 -8.96 -9.11 18.93
N SER F 156 -9.85 -9.91 19.51
CA SER F 156 -11.15 -9.44 19.97
C SER F 156 -11.13 -8.18 20.84
N GLU F 157 -10.13 -8.09 21.71
CA GLU F 157 -9.99 -6.97 22.63
C GLU F 157 -9.12 -5.85 22.09
N PHE F 158 -8.00 -6.22 21.48
CA PHE F 158 -7.05 -5.23 20.99
C PHE F 158 -7.13 -4.67 19.59
N VAL F 159 -8.18 -4.97 18.84
CA VAL F 159 -8.32 -4.46 17.46
C VAL F 159 -9.64 -3.75 17.24
N LYS F 160 -9.60 -2.47 16.80
CA LYS F 160 -10.83 -1.72 16.62
C LYS F 160 -10.88 -1.07 15.24
N ILE F 161 -11.92 -1.42 14.46
CA ILE F 161 -12.07 -0.81 13.15
C ILE F 161 -13.23 0.17 13.15
N LEU F 162 -12.91 1.43 12.91
CA LEU F 162 -13.87 2.52 12.91
C LEU F 162 -14.35 2.82 11.51
N ASP F 163 -15.66 2.92 11.36
CA ASP F 163 -16.27 3.18 10.06
C ASP F 163 -15.83 4.51 9.46
N THR F 164 -15.90 5.58 10.25
CA THR F 164 -15.49 6.89 9.78
C THR F 164 -14.47 7.47 10.75
N PHE F 165 -13.91 8.62 10.38
CA PHE F 165 -12.94 9.29 11.24
C PHE F 165 -13.65 10.04 12.33
N GLU F 166 -14.90 10.41 12.06
CA GLU F 166 -15.72 11.13 13.01
C GLU F 166 -16.11 10.24 14.18
N LYS F 167 -15.71 8.99 14.12
CA LYS F 167 -16.04 8.05 15.18
C LYS F 167 -14.90 7.89 16.16
N LEU F 168 -13.96 8.83 16.10
CA LEU F 168 -12.80 8.83 16.98
C LEU F 168 -13.13 9.64 18.22
N LYS F 169 -14.28 10.30 18.16
CA LYS F 169 -14.79 11.08 19.28
C LYS F 169 -15.54 10.06 20.16
N ASP F 170 -16.19 9.10 19.47
CA ASP F 170 -16.96 8.00 20.07
C ASP F 170 -16.07 6.99 20.79
N LEU F 171 -14.94 6.63 20.19
CA LEU F 171 -14.03 5.67 20.81
C LEU F 171 -13.34 6.36 21.97
N PHE F 172 -13.28 7.68 21.91
CA PHE F 172 -12.68 8.46 22.97
C PHE F 172 -13.57 8.26 24.19
N THR F 173 -14.78 8.83 24.16
CA THR F 173 -15.70 8.71 25.29
C THR F 173 -15.91 7.25 25.68
N GLU F 174 -15.67 6.33 24.74
CA GLU F 174 -15.82 4.91 25.04
C GLU F 174 -14.77 4.59 26.05
N LEU F 175 -13.62 5.24 25.92
CA LEU F 175 -12.50 5.05 26.83
C LEU F 175 -12.71 5.82 28.14
N GLN F 176 -13.66 6.76 28.15
CA GLN F 176 -13.96 7.51 29.37
C GLN F 176 -14.85 6.65 30.29
N LYS F 177 -15.59 5.71 29.68
CA LYS F 177 -16.47 4.80 30.42
C LYS F 177 -15.72 3.49 30.70
N LYS F 178 -14.38 3.55 30.61
CA LYS F 178 -13.51 2.38 30.85
C LYS F 178 -12.50 2.59 31.98
N ILE F 179 -12.38 1.59 32.86
CA ILE F 179 -11.43 1.67 33.98
C ILE F 179 -10.04 1.22 33.55
ZN ZN G . -0.84 -5.92 -4.57
ZN ZN H . -3.44 5.13 4.08
#